data_3GGW
#
_entry.id   3GGW
#
_cell.length_a   66.880
_cell.length_b   69.530
_cell.length_c   110.190
_cell.angle_alpha   90.00
_cell.angle_beta   97.71
_cell.angle_gamma   90.00
#
_symmetry.space_group_name_H-M   'P 1 21 1'
#
loop_
_entity.id
_entity.type
_entity.pdbx_description
1 polymer 'FAB F22-4 LIGHT CHAIN'
2 polymer 'FAB F22-4 HEAVY CHAIN'
3 polymer 'PEPTIDE B1'
4 water water
#
loop_
_entity_poly.entity_id
_entity_poly.type
_entity_poly.pdbx_seq_one_letter_code
_entity_poly.pdbx_strand_id
1 'polypeptide(L)'
;DIVMTQAAFSNPVTLGTSASISCRSSKSLLHSDGITYLYWYLQKPGQSPHLLIYHLSNLASGVPDRFSSSGSGTDFTLRI
SRVEAEDVGIYYCAHNVELPRTFGGGTKLEIKRADAAPTVSIFPPSSEQLTSGGASVVCFLNNFYPKDINVKWKIDGSER
QNGVLNSWTDQDSKDSTYSMSSTLTLTKDEYERHNSYTCEATHKTSTSPIVKSFNRNEC
;
A,C
2 'polypeptide(L)'
;EVKVEESGGGLVQPGGSMKISCVVSGLTFSNYWMSWVRQSPEKGLEWVAEIRLKSDNYATYYAESVKGKFTISRDDSKSR
LYLQMNNLRTEDTGIYYCFLPMDYWGQGTSVTVSSAKTTPPSVYPLAPGSAAQTNSMVTLGCLVKGYFPEPVTVTWNSGS
LSSGVHTFPAVLQSDLYTLSSSVTVPSSTWPSETVTCNVAHPASSTKVDKKIVPRDC
;
B,D
3 'polypeptide(L)' YLEDWIKYNNQK E,F
#
# COMPACT_ATOMS: atom_id res chain seq x y z
N ASP A 1 -36.37 -25.71 12.79
CA ASP A 1 -36.04 -24.26 12.70
C ASP A 1 -37.18 -23.47 12.08
N ILE A 2 -37.37 -22.26 12.56
CA ILE A 2 -38.41 -21.44 12.02
C ILE A 2 -37.92 -20.72 10.80
N VAL A 3 -38.72 -20.79 9.73
CA VAL A 3 -38.51 -20.00 8.54
C VAL A 3 -39.34 -18.71 8.63
N MET A 4 -38.65 -17.60 8.45
CA MET A 4 -39.29 -16.29 8.45
C MET A 4 -39.28 -15.83 7.02
N THR A 5 -40.46 -15.58 6.45
CA THR A 5 -40.58 -15.26 5.04
C THR A 5 -40.95 -13.79 4.79
N GLN A 6 -40.11 -13.11 4.04
CA GLN A 6 -40.34 -11.77 3.54
C GLN A 6 -40.04 -11.64 2.05
N ALA A 7 -40.86 -10.86 1.36
CA ALA A 7 -40.57 -10.46 -0.01
C ALA A 7 -39.37 -9.51 -0.06
N ALA A 8 -38.53 -9.68 -1.08
CA ALA A 8 -37.34 -8.85 -1.18
C ALA A 8 -37.64 -7.34 -1.37
N PHE A 9 -38.76 -7.04 -2.01
CA PHE A 9 -39.16 -5.67 -2.30
C PHE A 9 -40.63 -5.39 -2.01
N SER A 10 -40.95 -4.12 -1.93
CA SER A 10 -42.33 -3.65 -1.76
C SER A 10 -42.67 -2.73 -2.93
N ASN A 11 -43.95 -2.40 -3.11
CA ASN A 11 -44.33 -1.42 -4.14
C ASN A 11 -43.71 -0.08 -3.75
N PRO A 12 -43.15 0.63 -4.73
CA PRO A 12 -42.61 1.93 -4.35
C PRO A 12 -43.67 2.79 -3.67
N VAL A 13 -43.24 3.57 -2.70
CA VAL A 13 -44.16 4.36 -1.90
C VAL A 13 -43.85 5.82 -2.12
N THR A 14 -44.89 6.61 -2.37
CA THR A 14 -44.74 8.05 -2.45
C THR A 14 -44.48 8.64 -1.07
N LEU A 15 -43.61 9.63 -1.00
CA LEU A 15 -43.38 10.34 0.24
C LEU A 15 -44.65 10.84 0.88
N GLY A 16 -44.74 10.69 2.20
CA GLY A 16 -45.90 11.14 2.94
C GLY A 16 -47.03 10.15 3.00
N THR A 17 -46.94 9.07 2.25
CA THR A 17 -47.99 8.05 2.26
C THR A 17 -47.52 6.81 3.04
N SER A 18 -48.41 5.85 3.18
CA SER A 18 -48.17 4.70 4.02
C SER A 18 -47.54 3.52 3.25
N ALA A 19 -46.50 2.94 3.86
CA ALA A 19 -45.90 1.68 3.36
C ALA A 19 -46.18 0.53 4.32
N SER A 20 -46.45 -0.67 3.79
CA SER A 20 -46.66 -1.88 4.59
C SER A 20 -45.61 -2.96 4.22
N ILE A 21 -44.92 -3.50 5.21
CA ILE A 21 -43.90 -4.55 5.02
C ILE A 21 -44.37 -5.78 5.75
N SER A 22 -44.42 -6.92 5.05
CA SER A 22 -45.02 -8.11 5.62
C SER A 22 -43.98 -9.16 5.93
N CYS A 23 -44.36 -10.07 6.81
CA CYS A 23 -43.52 -11.15 7.24
C CYS A 23 -44.43 -12.24 7.66
N ARG A 24 -44.01 -13.49 7.46
CA ARG A 24 -44.74 -14.61 8.03
C ARG A 24 -43.78 -15.61 8.64
N SER A 25 -44.26 -16.34 9.61
CA SER A 25 -43.45 -17.37 10.22
C SER A 25 -44.09 -18.73 10.01
N SER A 26 -43.24 -19.76 9.99
CA SER A 26 -43.68 -21.12 9.76
C SER A 26 -44.25 -21.76 11.04
N LYS A 27 -44.11 -21.06 12.18
CA LYS A 27 -44.67 -21.53 13.43
C LYS A 27 -45.26 -20.32 14.11
N SER A 28 -46.32 -20.53 14.89
CA SER A 28 -46.86 -19.42 15.69
C SER A 28 -45.83 -18.89 16.69
N LEU A 29 -45.78 -17.57 16.79
CA LEU A 29 -44.91 -16.86 17.73
C LEU A 29 -45.66 -16.37 18.95
N LEU A 30 -46.96 -16.69 19.00
CA LEU A 30 -47.76 -16.43 20.20
C LEU A 30 -47.39 -17.45 21.28
N HIS A 31 -47.07 -16.94 22.47
CA HIS A 31 -46.80 -17.72 23.63
C HIS A 31 -47.99 -17.71 24.61
N SER A 32 -47.95 -18.65 25.54
CA SER A 32 -49.02 -18.83 26.53
C SER A 32 -49.18 -17.66 27.50
N ASP A 33 -48.16 -16.79 27.56
CA ASP A 33 -48.22 -15.52 28.29
C ASP A 33 -48.97 -14.40 27.55
N GLY A 34 -49.48 -14.69 26.38
CA GLY A 34 -50.24 -13.69 25.65
C GLY A 34 -49.39 -12.78 24.80
N ILE A 35 -48.07 -12.95 24.86
CA ILE A 35 -47.16 -12.13 24.08
C ILE A 35 -46.79 -12.89 22.80
N THR A 36 -46.64 -12.14 21.73
CA THR A 36 -46.23 -12.69 20.42
C THR A 36 -44.82 -12.16 20.20
N TYR A 37 -43.84 -13.08 20.19
CA TYR A 37 -42.43 -12.74 20.24
C TYR A 37 -41.88 -12.48 18.83
N LEU A 38 -42.41 -11.44 18.20
CA LEU A 38 -42.07 -11.01 16.84
C LEU A 38 -41.42 -9.65 16.97
N TYR A 39 -40.30 -9.47 16.28
CA TYR A 39 -39.49 -8.26 16.32
C TYR A 39 -39.22 -7.75 14.90
N TRP A 40 -39.09 -6.42 14.79
CA TRP A 40 -38.69 -5.76 13.56
C TRP A 40 -37.42 -4.97 13.73
N TYR A 41 -36.52 -5.10 12.74
CA TYR A 41 -35.28 -4.33 12.70
C TYR A 41 -35.19 -3.61 11.35
N LEU A 42 -34.51 -2.47 11.35
CA LEU A 42 -34.15 -1.73 10.17
C LEU A 42 -32.64 -1.64 10.03
N GLN A 43 -32.18 -1.99 8.84
CA GLN A 43 -30.79 -1.82 8.45
C GLN A 43 -30.70 -0.81 7.31
N LYS A 44 -30.14 0.32 7.64
CA LYS A 44 -29.91 1.40 6.66
C LYS A 44 -28.61 1.10 5.94
N PRO A 45 -28.45 1.61 4.69
CA PRO A 45 -27.20 1.36 3.97
C PRO A 45 -25.96 1.76 4.76
N GLY A 46 -24.99 0.85 4.82
CA GLY A 46 -23.72 1.09 5.50
C GLY A 46 -23.74 0.89 7.00
N GLN A 47 -24.87 0.42 7.52
CA GLN A 47 -25.09 0.35 8.96
C GLN A 47 -25.50 -1.05 9.41
N SER A 48 -25.52 -1.23 10.72
CA SER A 48 -26.03 -2.47 11.28
C SER A 48 -27.56 -2.43 11.44
N PRO A 49 -28.17 -3.60 11.68
CA PRO A 49 -29.59 -3.51 11.97
C PRO A 49 -29.82 -2.75 13.28
N HIS A 50 -30.97 -2.13 13.42
CA HIS A 50 -31.35 -1.53 14.71
C HIS A 50 -32.82 -1.82 14.98
N LEU A 51 -33.12 -2.02 16.27
CA LEU A 51 -34.43 -2.50 16.69
C LEU A 51 -35.51 -1.44 16.56
N LEU A 52 -36.63 -1.79 15.92
CA LEU A 52 -37.77 -0.87 15.77
C LEU A 52 -38.94 -1.25 16.66
N ILE A 53 -39.29 -2.52 16.62
CA ILE A 53 -40.45 -3.02 17.31
C ILE A 53 -40.11 -4.29 18.04
N TYR A 54 -40.68 -4.45 19.23
CA TYR A 54 -40.61 -5.72 19.97
C TYR A 54 -42.00 -6.21 20.39
N HIS A 55 -42.11 -7.52 20.61
CA HIS A 55 -43.35 -8.15 21.04
C HIS A 55 -44.54 -7.73 20.15
N LEU A 56 -44.33 -7.86 18.83
CA LEU A 56 -45.36 -7.63 17.80
C LEU A 56 -45.68 -6.15 17.49
N SER A 57 -45.91 -5.32 18.50
CA SER A 57 -46.44 -4.02 18.24
C SER A 57 -45.84 -2.91 19.08
N ASN A 58 -44.92 -3.24 19.97
CA ASN A 58 -44.34 -2.22 20.82
C ASN A 58 -43.12 -1.54 20.23
N LEU A 59 -43.15 -0.21 20.25
CA LEU A 59 -42.10 0.60 19.70
C LEU A 59 -40.92 0.69 20.65
N ALA A 60 -39.71 0.49 20.11
CA ALA A 60 -38.50 0.67 20.86
C ALA A 60 -38.32 2.15 21.15
N SER A 61 -37.58 2.43 22.20
CA SER A 61 -37.40 3.82 22.65
C SER A 61 -36.87 4.66 21.52
N GLY A 62 -37.45 5.84 21.32
CA GLY A 62 -36.93 6.78 20.34
C GLY A 62 -37.40 6.52 18.91
N VAL A 63 -38.03 5.39 18.65
CA VAL A 63 -38.63 5.16 17.34
C VAL A 63 -39.86 6.07 17.09
N PRO A 64 -39.88 6.78 15.95
CA PRO A 64 -41.02 7.65 15.67
C PRO A 64 -42.37 6.94 15.61
N ASP A 65 -43.42 7.63 16.03
CA ASP A 65 -44.82 7.20 15.95
C ASP A 65 -45.31 6.92 14.53
N ARG A 66 -44.53 7.32 13.53
CA ARG A 66 -44.80 6.93 12.16
C ARG A 66 -44.80 5.39 12.00
N PHE A 67 -44.05 4.69 12.85
CA PHE A 67 -43.96 3.23 12.77
C PHE A 67 -44.98 2.53 13.66
N SER A 68 -45.67 1.52 13.12
CA SER A 68 -46.53 0.67 13.91
C SER A 68 -46.52 -0.73 13.34
N SER A 69 -47.04 -1.67 14.08
CA SER A 69 -46.99 -3.08 13.63
C SER A 69 -48.12 -3.90 14.27
N SER A 70 -48.71 -4.87 13.54
CA SER A 70 -49.58 -5.88 14.20
C SER A 70 -49.43 -7.18 13.42
N GLY A 71 -50.27 -8.14 13.75
CA GLY A 71 -50.22 -9.45 13.19
C GLY A 71 -50.97 -10.45 14.02
N SER A 72 -51.02 -11.65 13.47
CA SER A 72 -51.52 -12.84 14.13
C SER A 72 -50.34 -13.54 14.84
N GLY A 73 -50.41 -14.84 15.10
CA GLY A 73 -49.23 -15.58 15.55
C GLY A 73 -48.25 -15.90 14.41
N THR A 74 -48.71 -15.82 13.16
CA THR A 74 -47.94 -16.23 12.00
C THR A 74 -47.77 -15.23 10.88
N ASP A 75 -48.56 -14.17 10.85
CA ASP A 75 -48.56 -13.22 9.73
C ASP A 75 -48.50 -11.85 10.28
N PHE A 76 -47.50 -11.09 9.86
CA PHE A 76 -47.23 -9.82 10.53
C PHE A 76 -47.03 -8.72 9.53
N THR A 77 -47.34 -7.50 9.95
CA THR A 77 -47.20 -6.34 9.08
C THR A 77 -46.68 -5.12 9.82
N LEU A 78 -45.57 -4.59 9.32
CA LEU A 78 -45.00 -3.32 9.77
C LEU A 78 -45.54 -2.23 8.85
N ARG A 79 -46.05 -1.15 9.45
CA ARG A 79 -46.59 -0.01 8.71
C ARG A 79 -45.70 1.18 8.99
N ILE A 80 -45.32 1.89 7.94
CA ILE A 80 -44.69 3.21 8.05
C ILE A 80 -45.72 4.16 7.45
N SER A 81 -46.42 4.90 8.30
CA SER A 81 -47.68 5.54 7.88
C SER A 81 -47.48 6.75 6.97
N ARG A 82 -46.41 7.51 7.22
CA ARG A 82 -46.07 8.71 6.44
C ARG A 82 -44.61 8.66 6.09
N VAL A 83 -44.27 7.95 5.01
CA VAL A 83 -42.86 7.69 4.73
C VAL A 83 -42.03 8.95 4.45
N GLU A 84 -40.82 8.95 4.97
CA GLU A 84 -39.83 9.98 4.71
C GLU A 84 -38.68 9.38 3.90
N ALA A 85 -37.88 10.23 3.28
CA ALA A 85 -36.82 9.73 2.40
C ALA A 85 -35.77 8.91 3.15
N GLU A 86 -35.53 9.28 4.40
CA GLU A 86 -34.52 8.63 5.27
C GLU A 86 -34.92 7.21 5.70
N ASP A 87 -36.15 6.81 5.43
CA ASP A 87 -36.61 5.49 5.85
C ASP A 87 -36.16 4.40 4.88
N VAL A 88 -35.55 4.76 3.75
CA VAL A 88 -35.04 3.72 2.85
C VAL A 88 -34.05 2.84 3.61
N GLY A 89 -34.13 1.54 3.32
CA GLY A 89 -33.34 0.54 4.01
C GLY A 89 -33.97 -0.81 3.85
N ILE A 90 -33.46 -1.79 4.57
CA ILE A 90 -34.03 -3.14 4.54
C ILE A 90 -34.60 -3.42 5.93
N TYR A 91 -35.83 -3.90 5.95
CA TYR A 91 -36.58 -4.14 7.18
C TYR A 91 -36.66 -5.63 7.34
N TYR A 92 -36.19 -6.12 8.50
CA TYR A 92 -36.12 -7.53 8.84
C TYR A 92 -37.04 -7.92 9.98
N CYS A 93 -37.73 -9.05 9.85
CA CYS A 93 -38.42 -9.63 10.97
C CYS A 93 -37.57 -10.74 11.62
N ALA A 94 -37.81 -10.95 12.91
CA ALA A 94 -37.19 -12.01 13.66
C ALA A 94 -38.11 -12.49 14.72
N HIS A 95 -37.93 -13.74 15.13
CA HIS A 95 -38.70 -14.30 16.23
C HIS A 95 -37.78 -14.37 17.45
N ASN A 96 -38.39 -14.60 18.62
CA ASN A 96 -37.66 -14.93 19.83
C ASN A 96 -38.42 -16.01 20.64
N VAL A 97 -38.65 -17.18 20.02
CA VAL A 97 -39.38 -18.28 20.64
C VAL A 97 -38.60 -19.55 20.81
N GLU A 98 -37.44 -19.63 20.16
CA GLU A 98 -36.56 -20.76 20.26
C GLU A 98 -35.21 -20.43 19.64
N LEU A 99 -34.29 -21.37 19.77
CA LEU A 99 -33.04 -21.37 19.03
C LEU A 99 -33.16 -22.48 17.99
N PRO A 100 -32.57 -22.26 16.82
CA PRO A 100 -31.75 -21.13 16.43
C PRO A 100 -32.57 -19.87 16.21
N ARG A 101 -31.99 -18.70 16.50
CA ARG A 101 -32.59 -17.45 16.11
C ARG A 101 -32.56 -17.36 14.61
N THR A 102 -33.66 -16.94 14.01
CA THR A 102 -33.74 -16.78 12.56
C THR A 102 -34.42 -15.46 12.22
N PHE A 103 -34.11 -14.98 11.03
CA PHE A 103 -34.46 -13.66 10.52
C PHE A 103 -35.12 -13.84 9.18
N GLY A 104 -35.94 -12.89 8.81
CA GLY A 104 -36.48 -12.90 7.49
C GLY A 104 -35.44 -12.32 6.54
N GLY A 105 -35.69 -12.48 5.23
CA GLY A 105 -34.63 -12.27 4.26
C GLY A 105 -34.51 -10.74 4.08
N GLY A 106 -35.42 -9.94 4.65
CA GLY A 106 -35.36 -8.49 4.55
C GLY A 106 -36.16 -7.97 3.34
N THR A 107 -36.94 -6.90 3.55
CA THR A 107 -37.69 -6.23 2.48
C THR A 107 -37.13 -4.83 2.34
N LYS A 108 -36.68 -4.49 1.13
CA LYS A 108 -36.16 -3.15 0.90
C LYS A 108 -37.28 -2.19 0.58
N LEU A 109 -37.31 -1.06 1.28
CA LEU A 109 -38.28 -0.02 1.00
C LEU A 109 -37.77 0.83 -0.16
N GLU A 110 -38.59 0.93 -1.21
CA GLU A 110 -38.28 1.89 -2.30
C GLU A 110 -39.26 3.05 -2.32
N ILE A 111 -38.72 4.27 -2.27
CA ILE A 111 -39.52 5.50 -2.38
C ILE A 111 -39.80 5.79 -3.85
N LYS A 112 -41.05 6.14 -4.15
CA LYS A 112 -41.43 6.62 -5.49
C LYS A 112 -41.40 8.13 -5.52
N ARG A 113 -40.68 8.68 -6.47
CA ARG A 113 -40.58 10.12 -6.65
C ARG A 113 -40.72 10.47 -8.11
N ALA A 114 -40.66 11.76 -8.41
CA ALA A 114 -40.85 12.25 -9.76
C ALA A 114 -39.66 11.83 -10.60
N ASP A 115 -39.91 11.30 -11.78
CA ASP A 115 -38.85 10.97 -12.72
C ASP A 115 -37.86 12.14 -12.86
N ALA A 116 -36.58 11.79 -12.93
CA ALA A 116 -35.49 12.76 -13.02
C ALA A 116 -34.43 12.18 -13.93
N ALA A 117 -33.97 12.96 -14.91
CA ALA A 117 -32.96 12.49 -15.86
C ALA A 117 -31.58 12.48 -15.17
N PRO A 118 -30.68 11.62 -15.64
CA PRO A 118 -29.35 11.60 -15.04
C PRO A 118 -28.47 12.82 -15.38
N THR A 119 -27.57 13.18 -14.47
CA THR A 119 -26.45 14.05 -14.78
C THR A 119 -25.28 13.15 -15.17
N VAL A 120 -24.85 13.29 -16.42
CA VAL A 120 -23.79 12.48 -17.03
C VAL A 120 -22.43 13.19 -17.07
N SER A 121 -21.39 12.51 -16.59
CA SER A 121 -20.02 13.04 -16.58
C SER A 121 -19.05 11.94 -17.03
N ILE A 122 -18.11 12.31 -17.90
CA ILE A 122 -17.15 11.38 -18.48
C ILE A 122 -15.74 11.85 -18.10
N PHE A 123 -14.87 10.86 -17.86
CA PHE A 123 -13.51 11.09 -17.38
C PHE A 123 -12.57 10.20 -18.16
N PRO A 124 -11.55 10.78 -18.78
CA PRO A 124 -10.55 9.95 -19.41
C PRO A 124 -9.64 9.28 -18.37
N PRO A 125 -8.88 8.26 -18.80
CA PRO A 125 -7.87 7.66 -17.95
C PRO A 125 -6.94 8.72 -17.44
N SER A 126 -6.61 8.65 -16.15
CA SER A 126 -5.68 9.61 -15.57
C SER A 126 -4.28 9.34 -16.12
N SER A 127 -3.44 10.38 -16.07
CA SER A 127 -2.05 10.26 -16.52
C SER A 127 -1.36 9.19 -15.69
N GLU A 128 -1.63 9.20 -14.38
CA GLU A 128 -1.01 8.24 -13.46
C GLU A 128 -1.30 6.82 -13.88
N GLN A 129 -2.55 6.51 -14.21
CA GLN A 129 -2.87 5.16 -14.65
C GLN A 129 -2.20 4.85 -15.98
N LEU A 130 -2.17 5.82 -16.88
CA LEU A 130 -1.53 5.61 -18.19
C LEU A 130 -0.06 5.27 -18.02
N THR A 131 0.59 5.83 -17.01
CA THR A 131 1.98 5.43 -16.71
C THR A 131 2.12 3.92 -16.48
N SER A 132 1.02 3.23 -16.17
CA SER A 132 1.03 1.81 -15.78
C SER A 132 0.58 0.80 -16.84
N GLY A 133 0.17 1.23 -18.02
CA GLY A 133 -0.23 0.26 -19.06
C GLY A 133 -1.67 -0.25 -19.08
N GLY A 134 -2.52 0.33 -18.22
CA GLY A 134 -3.98 0.15 -18.31
C GLY A 134 -4.65 1.49 -18.50
N ALA A 135 -5.91 1.45 -18.91
CA ALA A 135 -6.67 2.66 -19.23
C ALA A 135 -8.13 2.46 -18.94
N SER A 136 -8.59 3.09 -17.86
CA SER A 136 -9.99 3.02 -17.44
C SER A 136 -10.70 4.33 -17.76
N VAL A 137 -11.77 4.22 -18.53
CA VAL A 137 -12.61 5.32 -18.89
C VAL A 137 -13.85 5.23 -18.01
N VAL A 138 -14.21 6.34 -17.38
CA VAL A 138 -15.26 6.37 -16.36
C VAL A 138 -16.38 7.34 -16.75
N CYS A 139 -17.61 6.90 -16.57
CA CYS A 139 -18.76 7.73 -16.82
CA CYS A 139 -18.78 7.72 -16.85
C CYS A 139 -19.74 7.57 -15.68
N PHE A 140 -20.13 8.69 -15.06
CA PHE A 140 -21.13 8.64 -14.00
C PHE A 140 -22.46 9.05 -14.60
N LEU A 141 -23.50 8.26 -14.31
CA LEU A 141 -24.91 8.63 -14.57
C LEU A 141 -25.55 8.84 -13.21
N ASN A 142 -25.67 10.09 -12.78
CA ASN A 142 -25.98 10.39 -11.37
C ASN A 142 -27.37 10.96 -11.14
N ASN A 143 -27.99 10.55 -10.02
CA ASN A 143 -29.22 11.18 -9.48
C ASN A 143 -30.38 11.17 -10.42
N PHE A 144 -30.74 9.98 -10.85
CA PHE A 144 -31.88 9.77 -11.71
C PHE A 144 -32.94 8.93 -11.01
N TYR A 145 -34.16 9.03 -11.52
CA TYR A 145 -35.28 8.20 -11.06
C TYR A 145 -36.20 7.98 -12.22
N PRO A 146 -36.63 6.74 -12.45
CA PRO A 146 -36.42 5.47 -11.74
C PRO A 146 -35.05 4.85 -12.03
N LYS A 147 -34.80 3.68 -11.44
CA LYS A 147 -33.49 3.02 -11.43
C LYS A 147 -33.08 2.46 -12.80
N ASP A 148 -34.04 2.15 -13.64
CA ASP A 148 -33.75 1.54 -14.94
C ASP A 148 -33.08 2.55 -15.89
N ILE A 149 -31.96 2.15 -16.47
CA ILE A 149 -31.17 3.05 -17.32
C ILE A 149 -30.22 2.25 -18.18
N ASN A 150 -29.87 2.77 -19.35
CA ASN A 150 -28.95 2.08 -20.26
C ASN A 150 -27.78 3.05 -20.45
N VAL A 151 -26.58 2.51 -20.40
CA VAL A 151 -25.41 3.18 -21.02
C VAL A 151 -24.77 2.52 -22.19
N LYS A 152 -24.25 3.34 -23.10
CA LYS A 152 -23.55 2.88 -24.27
C LYS A 152 -22.23 3.60 -24.40
N TRP A 153 -21.20 2.86 -24.79
CA TRP A 153 -19.89 3.39 -25.10
C TRP A 153 -19.65 3.31 -26.62
N LYS A 154 -19.26 4.44 -27.20
CA LYS A 154 -18.87 4.52 -28.60
C LYS A 154 -17.47 5.14 -28.65
N ILE A 155 -16.62 4.45 -29.41
CA ILE A 155 -15.25 4.82 -29.62
C ILE A 155 -15.09 5.07 -31.11
N ASP A 156 -14.77 6.30 -31.49
CA ASP A 156 -14.65 6.67 -32.92
C ASP A 156 -15.88 6.21 -33.69
N GLY A 157 -17.04 6.36 -33.08
CA GLY A 157 -18.28 5.97 -33.73
C GLY A 157 -18.76 4.53 -33.55
N SER A 158 -17.91 3.65 -33.05
CA SER A 158 -18.26 2.22 -32.93
C SER A 158 -18.64 1.89 -31.51
N GLU A 159 -19.75 1.17 -31.32
CA GLU A 159 -20.16 0.73 -30.00
C GLU A 159 -19.15 -0.26 -29.46
N ARG A 160 -18.80 -0.11 -28.20
CA ARG A 160 -17.92 -1.04 -27.49
C ARG A 160 -18.70 -1.64 -26.31
N GLN A 161 -18.79 -2.95 -26.27
CA GLN A 161 -19.36 -3.63 -25.10
C GLN A 161 -18.31 -4.39 -24.27
N ASN A 162 -17.25 -4.87 -24.91
CA ASN A 162 -16.23 -5.60 -24.18
CA ASN A 162 -16.15 -5.59 -24.24
C ASN A 162 -15.49 -4.67 -23.22
N GLY A 163 -15.37 -5.12 -21.97
CA GLY A 163 -14.64 -4.36 -20.94
C GLY A 163 -15.40 -3.34 -20.15
N VAL A 164 -16.72 -3.33 -20.28
CA VAL A 164 -17.56 -2.40 -19.56
C VAL A 164 -18.21 -3.06 -18.37
N LEU A 165 -18.11 -2.38 -17.23
CA LEU A 165 -18.72 -2.86 -15.99
C LEU A 165 -19.47 -1.73 -15.32
N ASN A 166 -20.72 -2.02 -14.94
CA ASN A 166 -21.64 -1.05 -14.37
C ASN A 166 -21.97 -1.31 -12.90
N SER A 167 -22.08 -0.24 -12.10
CA SER A 167 -22.41 -0.38 -10.67
C SER A 167 -23.46 0.62 -10.27
N TRP A 168 -24.59 0.14 -9.76
CA TRP A 168 -25.65 1.02 -9.19
C TRP A 168 -25.55 1.26 -7.69
N THR A 169 -25.82 2.49 -7.27
CA THR A 169 -25.97 2.76 -5.85
C THR A 169 -27.35 2.32 -5.34
N ASP A 170 -27.43 2.28 -4.03
CA ASP A 170 -28.68 2.17 -3.32
C ASP A 170 -29.44 3.46 -3.48
N GLN A 171 -30.74 3.42 -3.25
CA GLN A 171 -31.54 4.65 -3.30
C GLN A 171 -31.04 5.71 -2.30
N ASP A 172 -30.86 6.94 -2.76
CA ASP A 172 -30.31 8.01 -1.92
C ASP A 172 -31.30 8.38 -0.80
N SER A 173 -30.78 8.54 0.41
CA SER A 173 -31.57 8.78 1.61
C SER A 173 -32.08 10.20 1.67
N LYS A 174 -31.55 11.07 0.81
CA LYS A 174 -31.95 12.49 0.76
C LYS A 174 -32.92 12.84 -0.37
N ASP A 175 -32.58 12.44 -1.59
CA ASP A 175 -33.37 12.80 -2.76
C ASP A 175 -34.01 11.64 -3.47
N SER A 176 -33.84 10.42 -2.95
CA SER A 176 -34.60 9.26 -3.41
C SER A 176 -34.30 8.84 -4.87
N THR A 177 -33.17 9.33 -5.38
CA THR A 177 -32.65 8.95 -6.70
C THR A 177 -31.60 7.85 -6.64
N TYR A 178 -31.30 7.34 -7.82
CA TYR A 178 -30.20 6.39 -7.99
C TYR A 178 -29.06 7.01 -8.77
N SER A 179 -27.90 6.35 -8.71
CA SER A 179 -26.75 6.69 -9.55
C SER A 179 -26.15 5.40 -10.08
N MET A 180 -25.38 5.51 -11.16
CA MET A 180 -24.74 4.35 -11.77
C MET A 180 -23.38 4.80 -12.24
N SER A 181 -22.37 3.94 -12.09
CA SER A 181 -21.09 4.22 -12.77
C SER A 181 -20.93 3.18 -13.84
N SER A 182 -20.31 3.60 -14.92
CA SER A 182 -19.96 2.68 -16.01
C SER A 182 -18.48 2.90 -16.21
N THR A 183 -17.72 1.82 -16.17
CA THR A 183 -16.28 1.90 -16.26
C THR A 183 -15.86 0.97 -17.40
N LEU A 184 -15.18 1.54 -18.38
CA LEU A 184 -14.63 0.83 -19.53
C LEU A 184 -13.13 0.64 -19.32
N THR A 185 -12.71 -0.61 -19.20
CA THR A 185 -11.31 -0.87 -18.97
C THR A 185 -10.64 -1.43 -20.22
N LEU A 186 -9.58 -0.76 -20.65
CA LEU A 186 -8.83 -1.04 -21.88
C LEU A 186 -7.38 -1.22 -21.54
N THR A 187 -6.63 -1.84 -22.46
CA THR A 187 -5.19 -1.80 -22.34
C THR A 187 -4.73 -0.44 -22.80
N LYS A 188 -3.59 0.02 -22.31
CA LYS A 188 -3.01 1.26 -22.83
C LYS A 188 -2.95 1.32 -24.37
N ASP A 189 -2.39 0.30 -25.01
CA ASP A 189 -2.34 0.26 -26.47
C ASP A 189 -3.71 0.44 -27.14
N GLU A 190 -4.74 -0.21 -26.60
CA GLU A 190 -6.06 -0.16 -27.23
C GLU A 190 -6.62 1.24 -27.06
N TYR A 191 -6.44 1.80 -25.87
CA TYR A 191 -6.85 3.18 -25.62
C TYR A 191 -6.19 4.16 -26.59
N GLU A 192 -4.89 3.99 -26.80
CA GLU A 192 -4.11 4.87 -27.68
C GLU A 192 -4.41 4.69 -29.18
N ARG A 193 -5.07 3.59 -29.51
CA ARG A 193 -5.43 3.30 -30.87
C ARG A 193 -6.64 4.11 -31.33
N HIS A 194 -7.33 4.80 -30.41
CA HIS A 194 -8.53 5.54 -30.76
C HIS A 194 -8.55 6.86 -30.05
N ASN A 195 -9.24 7.85 -30.62
CA ASN A 195 -9.15 9.20 -30.08
C ASN A 195 -10.45 9.78 -29.50
N SER A 196 -11.61 9.40 -30.03
CA SER A 196 -12.89 10.00 -29.61
C SER A 196 -13.75 9.02 -28.81
N TYR A 197 -13.98 9.36 -27.55
CA TYR A 197 -14.68 8.51 -26.58
C TYR A 197 -15.97 9.13 -26.16
N THR A 198 -17.04 8.35 -26.21
CA THR A 198 -18.35 8.85 -25.89
C THR A 198 -19.08 7.88 -24.95
N CYS A 199 -19.73 8.43 -23.94
CA CYS A 199 -20.69 7.74 -23.09
CA CYS A 199 -20.71 7.67 -23.17
C CYS A 199 -22.08 8.30 -23.38
N GLU A 200 -23.07 7.44 -23.61
CA GLU A 200 -24.42 7.84 -23.94
C GLU A 200 -25.34 7.15 -22.95
N ALA A 201 -26.17 7.95 -22.32
CA ALA A 201 -27.14 7.49 -21.33
C ALA A 201 -28.55 7.61 -21.88
N THR A 202 -29.32 6.54 -21.81
CA THR A 202 -30.68 6.52 -22.32
C THR A 202 -31.56 6.22 -21.12
N HIS A 203 -32.44 7.15 -20.77
CA HIS A 203 -33.32 7.05 -19.59
C HIS A 203 -34.75 7.39 -20.02
N LYS A 204 -35.76 6.88 -19.31
CA LYS A 204 -37.17 7.05 -19.73
C LYS A 204 -37.57 8.52 -19.83
N THR A 205 -36.82 9.38 -19.14
CA THR A 205 -37.10 10.81 -19.13
C THR A 205 -36.82 11.53 -20.46
N SER A 206 -36.26 10.82 -21.44
CA SER A 206 -36.21 11.34 -22.80
C SER A 206 -35.92 10.26 -23.83
N THR A 207 -36.47 10.47 -25.02
CA THR A 207 -36.17 9.63 -26.17
C THR A 207 -34.77 9.95 -26.70
N SER A 208 -34.21 11.08 -26.29
CA SER A 208 -32.87 11.49 -26.71
C SER A 208 -31.82 10.99 -25.72
N PRO A 209 -30.85 10.19 -26.17
CA PRO A 209 -29.78 9.91 -25.21
C PRO A 209 -29.00 11.15 -24.83
N ILE A 210 -28.48 11.16 -23.61
CA ILE A 210 -27.63 12.23 -23.13
C ILE A 210 -26.19 11.83 -23.40
N VAL A 211 -25.46 12.67 -24.13
CA VAL A 211 -24.15 12.28 -24.68
C VAL A 211 -23.04 13.11 -24.03
N LYS A 212 -21.97 12.45 -23.60
CA LYS A 212 -20.79 13.14 -23.10
C LYS A 212 -19.57 12.53 -23.80
N SER A 213 -18.63 13.39 -24.18
CA SER A 213 -17.49 12.95 -24.99
C SER A 213 -16.19 13.62 -24.57
N PHE A 214 -15.09 12.97 -24.91
CA PHE A 214 -13.77 13.60 -24.86
C PHE A 214 -12.91 13.09 -25.99
N ASN A 215 -11.85 13.83 -26.25
CA ASN A 215 -10.83 13.39 -27.17
C ASN A 215 -9.53 13.13 -26.46
N ARG A 216 -8.95 11.99 -26.75
CA ARG A 216 -7.71 11.55 -26.11
C ARG A 216 -6.56 12.57 -26.23
N ASN A 217 -6.43 13.23 -27.37
CA ASN A 217 -5.28 14.12 -27.62
C ASN A 217 -5.46 15.58 -27.15
N GLU A 218 -6.56 15.89 -26.46
CA GLU A 218 -6.82 17.28 -26.07
C GLU A 218 -6.35 17.57 -24.66
N GLU B 1 -25.17 5.92 24.59
CA GLU B 1 -25.96 4.67 24.78
C GLU B 1 -25.08 3.43 24.90
N VAL B 2 -25.74 2.30 25.13
CA VAL B 2 -25.13 0.99 25.03
C VAL B 2 -24.39 0.96 23.68
N LYS B 3 -23.18 0.44 23.69
CA LYS B 3 -22.37 0.40 22.49
C LYS B 3 -21.65 -0.95 22.38
N VAL B 4 -21.75 -1.54 21.19
CA VAL B 4 -21.17 -2.84 20.91
C VAL B 4 -20.14 -2.59 19.79
N GLU B 5 -18.89 -2.99 19.99
CA GLU B 5 -17.84 -2.76 18.99
C GLU B 5 -16.96 -3.97 18.75
N GLU B 6 -17.08 -4.52 17.53
CA GLU B 6 -16.30 -5.70 17.15
C GLU B 6 -14.93 -5.30 16.61
N SER B 7 -14.03 -6.27 16.64
CA SER B 7 -12.71 -6.15 16.04
C SER B 7 -12.17 -7.52 15.70
N GLY B 8 -11.08 -7.54 14.93
CA GLY B 8 -10.36 -8.77 14.64
C GLY B 8 -10.49 -9.40 13.24
N GLY B 9 -11.35 -8.84 12.42
CA GLY B 9 -11.58 -9.30 11.03
C GLY B 9 -10.35 -9.09 10.15
N GLY B 10 -10.43 -9.61 8.93
CA GLY B 10 -9.34 -9.63 8.00
C GLY B 10 -9.49 -10.87 7.16
N LEU B 11 -8.41 -11.21 6.50
CA LEU B 11 -8.37 -12.32 5.57
C LEU B 11 -7.62 -13.54 6.11
N VAL B 12 -8.13 -14.73 5.79
CA VAL B 12 -7.39 -15.98 6.02
C VAL B 12 -7.74 -16.97 4.91
N GLN B 13 -6.87 -17.93 4.76
CA GLN B 13 -6.99 -18.95 3.70
C GLN B 13 -7.97 -20.01 4.13
N PRO B 14 -8.61 -20.66 3.17
CA PRO B 14 -9.48 -21.78 3.54
C PRO B 14 -8.73 -22.83 4.36
N GLY B 15 -9.37 -23.34 5.42
CA GLY B 15 -8.81 -24.31 6.31
C GLY B 15 -8.16 -23.64 7.49
N GLY B 16 -7.98 -22.33 7.39
CA GLY B 16 -7.41 -21.56 8.47
C GLY B 16 -8.41 -21.10 9.50
N SER B 17 -7.95 -20.20 10.37
CA SER B 17 -8.67 -19.85 11.56
C SER B 17 -8.66 -18.34 11.74
N MET B 18 -9.64 -17.87 12.49
CA MET B 18 -9.66 -16.45 12.89
C MET B 18 -10.19 -16.38 14.28
N LYS B 19 -9.81 -15.34 15.02
CA LYS B 19 -10.42 -15.13 16.31
C LYS B 19 -10.85 -13.65 16.33
N ILE B 20 -12.14 -13.43 16.47
CA ILE B 20 -12.68 -12.06 16.53
C ILE B 20 -13.26 -11.83 17.94
N SER B 21 -13.53 -10.57 18.27
CA SER B 21 -14.09 -10.22 19.59
C SER B 21 -14.95 -8.94 19.50
N CYS B 22 -15.69 -8.65 20.58
CA CYS B 22 -16.36 -7.39 20.67
C CYS B 22 -16.34 -6.98 22.14
N VAL B 23 -16.33 -5.66 22.34
CA VAL B 23 -16.43 -5.09 23.69
C VAL B 23 -17.77 -4.37 23.79
N VAL B 24 -18.47 -4.56 24.90
CA VAL B 24 -19.74 -3.92 25.10
C VAL B 24 -19.60 -2.97 26.31
N SER B 25 -20.02 -1.74 26.08
CA SER B 25 -20.01 -0.70 27.11
C SER B 25 -21.42 -0.15 27.32
N GLY B 26 -21.63 0.58 28.41
CA GLY B 26 -22.94 1.12 28.65
C GLY B 26 -23.95 0.26 29.40
N LEU B 27 -23.51 -0.89 29.90
CA LEU B 27 -24.32 -1.76 30.70
C LEU B 27 -23.36 -2.69 31.39
N THR B 28 -23.88 -3.60 32.23
CA THR B 28 -23.05 -4.55 32.90
C THR B 28 -23.04 -5.79 32.03
N PHE B 29 -21.93 -5.99 31.31
CA PHE B 29 -21.81 -7.08 30.33
C PHE B 29 -22.13 -8.47 30.86
N SER B 30 -21.62 -8.79 32.05
CA SER B 30 -21.82 -10.09 32.69
C SER B 30 -23.28 -10.51 32.94
N ASN B 31 -24.21 -9.59 32.86
CA ASN B 31 -25.60 -9.93 33.12
C ASN B 31 -26.43 -10.22 31.88
N TYR B 32 -25.80 -10.29 30.70
CA TYR B 32 -26.52 -10.43 29.44
C TYR B 32 -26.06 -11.65 28.62
N TRP B 33 -27.04 -12.33 28.05
CA TRP B 33 -26.76 -13.32 26.97
C TRP B 33 -26.22 -12.54 25.79
N MET B 34 -25.30 -13.15 25.06
CA MET B 34 -24.61 -12.51 24.00
C MET B 34 -24.49 -13.54 22.86
N SER B 35 -24.55 -13.02 21.66
CA SER B 35 -24.51 -13.84 20.42
C SER B 35 -23.71 -13.20 19.31
N TRP B 36 -23.35 -14.04 18.31
CA TRP B 36 -22.78 -13.60 17.06
C TRP B 36 -23.77 -13.91 16.00
N VAL B 37 -23.97 -12.94 15.14
CA VAL B 37 -24.82 -13.04 13.96
C VAL B 37 -23.98 -12.54 12.79
N ARG B 38 -23.84 -13.34 11.74
CA ARG B 38 -23.13 -12.92 10.54
C ARG B 38 -24.08 -12.58 9.37
N GLN B 39 -23.62 -11.76 8.46
CA GLN B 39 -24.38 -11.39 7.27
C GLN B 39 -23.57 -11.57 5.99
N SER B 40 -24.22 -12.20 5.01
CA SER B 40 -23.67 -12.52 3.69
C SER B 40 -24.79 -12.47 2.66
N PRO B 41 -24.45 -12.30 1.36
CA PRO B 41 -25.44 -12.39 0.27
C PRO B 41 -26.23 -13.69 0.25
N GLU B 42 -25.57 -14.84 0.33
CA GLU B 42 -26.26 -16.11 0.10
C GLU B 42 -27.21 -16.50 1.22
N LYS B 43 -26.83 -16.22 2.47
CA LYS B 43 -27.60 -16.68 3.62
C LYS B 43 -28.20 -15.56 4.45
N GLY B 44 -27.99 -14.30 4.05
CA GLY B 44 -28.54 -13.13 4.75
C GLY B 44 -28.07 -13.06 6.20
N LEU B 45 -28.95 -12.61 7.12
CA LEU B 45 -28.61 -12.63 8.56
C LEU B 45 -28.71 -14.02 9.12
N GLU B 46 -27.61 -14.47 9.71
CA GLU B 46 -27.42 -15.78 10.20
C GLU B 46 -26.80 -15.80 11.60
N TRP B 47 -27.64 -16.05 12.60
CA TRP B 47 -27.20 -16.34 13.95
C TRP B 47 -26.31 -17.55 13.95
N VAL B 48 -25.17 -17.45 14.60
CA VAL B 48 -24.23 -18.57 14.63
C VAL B 48 -23.88 -19.13 15.99
N ALA B 49 -23.89 -18.29 17.04
CA ALA B 49 -23.45 -18.77 18.34
C ALA B 49 -23.92 -17.85 19.44
N GLU B 50 -24.09 -18.45 20.62
CA GLU B 50 -24.64 -17.72 21.75
C GLU B 50 -24.13 -18.27 23.08
N ILE B 51 -24.03 -17.39 24.08
CA ILE B 51 -23.49 -17.75 25.38
C ILE B 51 -24.32 -17.03 26.47
N ARG B 52 -24.64 -17.80 27.51
CA ARG B 52 -25.39 -17.32 28.67
C ARG B 52 -24.43 -16.94 29.77
N LEU B 53 -24.88 -16.95 31.02
CA LEU B 53 -24.18 -16.27 32.08
C LEU B 53 -23.38 -17.25 32.93
N LYS B 54 -22.52 -16.70 33.76
CA LYS B 54 -21.78 -17.46 34.73
C LYS B 54 -22.70 -18.38 35.55
N SER B 55 -23.85 -17.85 35.96
CA SER B 55 -24.85 -18.60 36.70
C SER B 55 -25.49 -19.74 35.92
N ASP B 56 -25.28 -19.75 34.59
CA ASP B 56 -25.72 -20.85 33.72
C ASP B 56 -24.55 -21.75 33.31
N ASN B 57 -23.46 -21.64 34.07
CA ASN B 57 -22.20 -22.28 33.74
C ASN B 57 -21.78 -21.95 32.32
N TYR B 58 -22.04 -20.71 31.91
CA TYR B 58 -21.58 -20.23 30.61
C TYR B 58 -22.04 -21.14 29.48
N ALA B 59 -23.31 -21.53 29.53
CA ALA B 59 -23.90 -22.41 28.53
C ALA B 59 -23.82 -21.78 27.13
N THR B 60 -23.38 -22.60 26.16
CA THR B 60 -23.21 -22.18 24.79
C THR B 60 -24.12 -22.93 23.87
N TYR B 61 -24.36 -22.26 22.75
CA TYR B 61 -25.35 -22.65 21.72
C TYR B 61 -24.77 -22.28 20.36
N TYR B 62 -24.99 -23.14 19.36
CA TYR B 62 -24.41 -22.99 18.03
C TYR B 62 -25.45 -23.36 16.98
N ALA B 63 -25.38 -22.64 15.85
CA ALA B 63 -26.12 -22.97 14.62
C ALA B 63 -25.45 -24.20 14.08
N GLU B 64 -26.25 -25.08 13.48
CA GLU B 64 -25.68 -26.33 12.93
C GLU B 64 -24.54 -26.06 11.99
N SER B 65 -24.70 -25.02 11.18
CA SER B 65 -23.69 -24.61 10.17
C SER B 65 -22.30 -24.60 10.77
N VAL B 66 -22.16 -24.10 11.99
CA VAL B 66 -20.84 -23.87 12.55
C VAL B 66 -20.43 -24.79 13.71
N LYS B 67 -21.31 -25.71 14.08
CA LYS B 67 -21.02 -26.64 15.16
C LYS B 67 -19.76 -27.39 14.81
N GLY B 68 -18.87 -27.54 15.78
CA GLY B 68 -17.55 -28.14 15.54
C GLY B 68 -16.45 -27.25 14.97
N LYS B 69 -16.82 -26.09 14.44
CA LYS B 69 -15.91 -25.15 13.81
C LYS B 69 -15.71 -23.89 14.66
N PHE B 70 -16.78 -23.45 15.30
CA PHE B 70 -16.76 -22.17 16.07
C PHE B 70 -16.87 -22.42 17.57
N THR B 71 -16.19 -21.59 18.35
CA THR B 71 -16.37 -21.59 19.80
C THR B 71 -16.56 -20.18 20.32
N ILE B 72 -17.68 -19.96 21.00
CA ILE B 72 -17.98 -18.63 21.59
C ILE B 72 -17.51 -18.68 23.04
N SER B 73 -17.00 -17.54 23.53
CA SER B 73 -16.54 -17.47 24.90
C SER B 73 -16.68 -16.02 25.31
N ARG B 74 -16.59 -15.80 26.61
CA ARG B 74 -16.75 -14.45 27.17
C ARG B 74 -15.73 -14.23 28.31
N ASP B 75 -15.23 -13.01 28.42
CA ASP B 75 -14.43 -12.61 29.56
C ASP B 75 -15.13 -11.43 30.23
N ASP B 76 -15.89 -11.74 31.25
CA ASP B 76 -16.76 -10.77 31.93
C ASP B 76 -15.96 -9.61 32.47
N SER B 77 -14.73 -9.90 32.88
CA SER B 77 -13.88 -8.88 33.50
C SER B 77 -13.45 -7.83 32.49
N LYS B 78 -13.42 -8.19 31.19
CA LYS B 78 -13.11 -7.27 30.12
C LYS B 78 -14.29 -6.77 29.31
N SER B 79 -15.49 -7.21 29.69
CA SER B 79 -16.71 -6.95 28.93
C SER B 79 -16.51 -7.36 27.49
N ARG B 80 -15.86 -8.51 27.29
CA ARG B 80 -15.48 -8.90 25.94
C ARG B 80 -16.06 -10.28 25.61
N LEU B 81 -16.60 -10.38 24.41
CA LEU B 81 -17.07 -11.61 23.77
C LEU B 81 -16.09 -12.02 22.68
N TYR B 82 -15.87 -13.32 22.56
CA TYR B 82 -14.99 -13.85 21.53
C TYR B 82 -15.67 -14.90 20.66
N LEU B 83 -15.14 -15.03 19.45
CA LEU B 83 -15.51 -16.15 18.56
C LEU B 83 -14.24 -16.70 17.92
N GLN B 84 -13.90 -17.91 18.31
CA GLN B 84 -12.78 -18.64 17.66
C GLN B 84 -13.39 -19.42 16.51
N MET B 85 -12.86 -19.25 15.30
CA MET B 85 -13.45 -19.73 14.09
C MET B 85 -12.43 -20.59 13.36
N ASN B 86 -12.60 -21.92 13.38
CA ASN B 86 -11.61 -22.84 12.82
C ASN B 86 -12.10 -23.53 11.57
N ASN B 87 -11.13 -24.08 10.84
CA ASN B 87 -11.40 -24.87 9.63
C ASN B 87 -12.37 -24.13 8.66
N LEU B 88 -12.03 -22.87 8.39
CA LEU B 88 -12.92 -22.00 7.65
C LEU B 88 -13.01 -22.37 6.19
N ARG B 89 -14.19 -22.13 5.65
CA ARG B 89 -14.46 -22.31 4.23
C ARG B 89 -14.83 -20.95 3.60
N THR B 90 -14.84 -20.89 2.28
CA THR B 90 -15.12 -19.60 1.64
C THR B 90 -16.47 -19.05 2.09
N GLU B 91 -17.45 -19.93 2.35
CA GLU B 91 -18.77 -19.47 2.78
C GLU B 91 -18.81 -18.87 4.16
N ASP B 92 -17.72 -18.97 4.93
CA ASP B 92 -17.66 -18.28 6.20
C ASP B 92 -17.29 -16.80 6.05
N THR B 93 -17.01 -16.38 4.84
CA THR B 93 -16.87 -14.96 4.54
C THR B 93 -18.16 -14.19 4.89
N GLY B 94 -18.02 -13.03 5.55
CA GLY B 94 -19.21 -12.23 5.84
C GLY B 94 -18.85 -11.20 6.88
N ILE B 95 -19.86 -10.37 7.19
CA ILE B 95 -19.71 -9.39 8.27
C ILE B 95 -20.20 -10.01 9.56
N TYR B 96 -19.39 -9.96 10.61
CA TYR B 96 -19.73 -10.63 11.86
C TYR B 96 -20.10 -9.56 12.87
N TYR B 97 -21.33 -9.69 13.41
CA TYR B 97 -21.89 -8.77 14.45
C TYR B 97 -22.00 -9.46 15.78
N CYS B 98 -21.64 -8.73 16.84
CA CYS B 98 -22.13 -9.11 18.13
C CYS B 98 -23.58 -8.56 18.21
N PHE B 99 -24.50 -9.41 18.68
CA PHE B 99 -25.91 -9.13 18.91
C PHE B 99 -26.25 -9.53 20.34
N LEU B 100 -26.63 -8.55 21.15
CA LEU B 100 -27.16 -8.80 22.44
C LEU B 100 -28.69 -8.97 22.30
N PRO B 101 -29.18 -10.23 22.32
CA PRO B 101 -30.59 -10.44 22.05
C PRO B 101 -31.46 -9.71 23.07
N MET B 102 -32.47 -8.96 22.62
CA MET B 102 -32.85 -8.77 21.24
C MET B 102 -32.63 -7.32 20.78
N ASP B 103 -31.93 -6.53 21.68
CA ASP B 103 -31.88 -5.06 21.60
C ASP B 103 -30.71 -4.44 20.85
N TYR B 104 -29.50 -5.03 20.83
CA TYR B 104 -28.30 -4.23 20.50
C TYR B 104 -27.42 -4.99 19.47
N TRP B 105 -26.95 -4.27 18.46
CA TRP B 105 -25.99 -4.79 17.45
C TRP B 105 -24.76 -3.91 17.43
N GLY B 106 -23.63 -4.52 17.11
CA GLY B 106 -22.35 -3.80 16.84
C GLY B 106 -22.30 -3.22 15.46
N GLN B 107 -21.14 -2.69 15.06
CA GLN B 107 -20.94 -2.19 13.70
C GLN B 107 -20.53 -3.25 12.70
N GLY B 108 -20.08 -4.39 13.21
CA GLY B 108 -19.65 -5.54 12.39
C GLY B 108 -18.17 -5.49 12.08
N THR B 109 -17.53 -6.67 11.99
CA THR B 109 -16.18 -6.76 11.53
C THR B 109 -16.16 -7.74 10.36
N SER B 110 -15.43 -7.42 9.31
CA SER B 110 -15.49 -8.19 8.06
C SER B 110 -14.45 -9.28 8.07
N VAL B 111 -14.88 -10.49 7.65
CA VAL B 111 -14.02 -11.67 7.59
C VAL B 111 -14.11 -12.20 6.15
N THR B 112 -12.95 -12.34 5.52
CA THR B 112 -12.86 -12.92 4.17
C THR B 112 -12.01 -14.19 4.27
N VAL B 113 -12.52 -15.27 3.65
CA VAL B 113 -11.82 -16.55 3.62
C VAL B 113 -11.56 -16.81 2.13
N SER B 114 -10.29 -16.75 1.77
CA SER B 114 -9.85 -16.81 0.36
C SER B 114 -8.38 -17.11 0.25
N SER B 115 -8.00 -17.81 -0.82
CA SER B 115 -6.57 -17.95 -1.13
C SER B 115 -5.94 -16.78 -1.90
N ALA B 116 -6.76 -15.83 -2.34
CA ALA B 116 -6.27 -14.69 -3.09
C ALA B 116 -5.47 -13.79 -2.17
N LYS B 117 -4.56 -13.02 -2.74
CA LYS B 117 -3.66 -12.20 -1.95
CA LYS B 117 -3.67 -12.21 -1.94
C LYS B 117 -4.20 -10.80 -1.69
N THR B 118 -3.88 -10.30 -0.52
CA THR B 118 -4.21 -8.95 -0.17
C THR B 118 -3.38 -8.07 -1.06
N THR B 119 -4.04 -7.08 -1.65
CA THR B 119 -3.44 -6.14 -2.59
C THR B 119 -4.03 -4.76 -2.28
N PRO B 120 -3.19 -3.73 -2.03
CA PRO B 120 -3.80 -2.41 -1.85
C PRO B 120 -4.32 -1.84 -3.21
N PRO B 121 -5.27 -0.89 -3.16
CA PRO B 121 -5.76 -0.25 -4.36
C PRO B 121 -4.79 0.73 -4.95
N SER B 122 -4.83 0.85 -6.28
CA SER B 122 -4.32 2.04 -6.93
C SER B 122 -5.44 3.06 -6.96
N VAL B 123 -5.13 4.30 -6.62
CA VAL B 123 -6.11 5.35 -6.48
C VAL B 123 -5.78 6.45 -7.51
N TYR B 124 -6.72 6.71 -8.41
CA TYR B 124 -6.52 7.64 -9.53
C TYR B 124 -7.51 8.77 -9.52
N PRO B 125 -7.02 9.99 -9.79
CA PRO B 125 -7.88 11.17 -9.79
C PRO B 125 -8.74 11.16 -11.02
N LEU B 126 -9.99 11.53 -10.87
CA LEU B 126 -10.86 11.74 -12.01
C LEU B 126 -11.20 13.24 -12.07
N ALA B 127 -10.45 13.95 -12.91
CA ALA B 127 -10.65 15.39 -13.09
C ALA B 127 -11.35 15.63 -14.42
N PRO B 128 -12.26 16.61 -14.47
CA PRO B 128 -12.83 16.98 -15.75
C PRO B 128 -11.85 17.84 -16.54
N SER B 136 -21.35 26.02 -12.81
CA SER B 136 -22.55 25.83 -11.99
C SER B 136 -22.31 24.77 -10.91
N MET B 137 -22.41 23.50 -11.32
CA MET B 137 -21.98 22.37 -10.49
C MET B 137 -20.90 21.62 -11.27
N VAL B 138 -19.92 21.07 -10.55
CA VAL B 138 -18.84 20.31 -11.17
C VAL B 138 -18.76 18.95 -10.46
N THR B 139 -18.67 17.88 -11.26
CA THR B 139 -18.56 16.52 -10.71
C THR B 139 -17.13 16.04 -10.85
N LEU B 140 -16.56 15.62 -9.73
CA LEU B 140 -15.21 15.02 -9.68
C LEU B 140 -15.30 13.55 -9.20
N GLY B 141 -14.16 12.87 -9.24
CA GLY B 141 -14.09 11.53 -8.64
C GLY B 141 -12.71 10.93 -8.40
N CYS B 142 -12.72 9.74 -7.83
CA CYS B 142 -11.55 8.88 -7.74
CA CYS B 142 -11.53 8.90 -7.91
C CYS B 142 -11.89 7.44 -8.14
N LEU B 143 -10.94 6.82 -8.80
CA LEU B 143 -11.02 5.46 -9.24
C LEU B 143 -10.14 4.66 -8.29
N VAL B 144 -10.74 3.66 -7.64
CA VAL B 144 -10.06 2.85 -6.66
C VAL B 144 -9.97 1.45 -7.25
N LYS B 145 -8.82 1.14 -7.85
CA LYS B 145 -8.72 -0.03 -8.73
C LYS B 145 -7.78 -1.08 -8.20
N GLY B 146 -8.28 -2.32 -8.25
CA GLY B 146 -7.44 -3.50 -8.12
C GLY B 146 -6.98 -3.81 -6.71
N TYR B 147 -7.92 -3.83 -5.77
CA TYR B 147 -7.61 -4.17 -4.36
C TYR B 147 -8.27 -5.51 -3.96
N PHE B 148 -7.73 -6.12 -2.90
CA PHE B 148 -8.34 -7.29 -2.31
C PHE B 148 -7.85 -7.42 -0.86
N PRO B 149 -8.72 -7.86 0.07
CA PRO B 149 -10.17 -8.09 -0.01
C PRO B 149 -10.92 -6.78 0.21
N GLU B 150 -12.24 -6.83 0.14
CA GLU B 150 -13.07 -5.79 0.71
C GLU B 150 -12.87 -5.76 2.20
N PRO B 151 -13.11 -4.60 2.83
CA PRO B 151 -13.55 -3.34 2.29
C PRO B 151 -12.46 -2.30 2.09
N VAL B 152 -12.84 -1.19 1.46
CA VAL B 152 -12.12 0.10 1.50
C VAL B 152 -13.07 1.05 2.23
N THR B 153 -12.54 2.11 2.77
CA THR B 153 -13.37 3.30 3.02
C THR B 153 -12.87 4.51 2.32
N VAL B 154 -13.79 5.14 1.63
CA VAL B 154 -13.52 6.32 0.84
C VAL B 154 -14.19 7.51 1.52
N THR B 155 -13.40 8.57 1.68
CA THR B 155 -13.93 9.86 2.14
C THR B 155 -13.45 10.98 1.23
N TRP B 156 -14.08 12.15 1.36
CA TRP B 156 -13.59 13.34 0.69
C TRP B 156 -13.26 14.43 1.71
N ASN B 157 -12.16 15.12 1.48
CA ASN B 157 -11.68 16.17 2.40
C ASN B 157 -11.75 15.67 3.84
N SER B 158 -11.15 14.50 4.05
CA SER B 158 -11.07 13.84 5.35
C SER B 158 -12.42 13.65 6.03
N GLY B 159 -13.49 13.58 5.25
CA GLY B 159 -14.84 13.41 5.82
C GLY B 159 -15.65 14.70 5.90
N SER B 160 -14.98 15.83 5.70
CA SER B 160 -15.65 17.15 5.68
C SER B 160 -16.68 17.25 4.56
N LEU B 161 -16.31 16.69 3.41
CA LEU B 161 -17.15 16.75 2.24
C LEU B 161 -17.91 15.43 2.19
N SER B 162 -19.21 15.49 2.47
CA SER B 162 -20.03 14.30 2.65
C SER B 162 -21.25 14.30 1.76
N SER B 163 -21.87 15.47 1.61
CA SER B 163 -23.00 15.60 0.72
C SER B 163 -22.55 15.67 -0.75
N GLY B 164 -23.44 15.24 -1.62
CA GLY B 164 -23.17 15.18 -3.05
C GLY B 164 -22.24 14.05 -3.46
N VAL B 165 -22.01 13.08 -2.56
CA VAL B 165 -21.06 11.97 -2.79
C VAL B 165 -21.76 10.67 -3.20
N HIS B 166 -21.21 10.00 -4.21
CA HIS B 166 -21.65 8.68 -4.59
C HIS B 166 -20.46 7.74 -4.65
N THR B 167 -20.35 6.84 -3.68
CA THR B 167 -19.34 5.78 -3.72
C THR B 167 -20.04 4.50 -4.14
N PHE B 168 -19.66 3.98 -5.29
CA PHE B 168 -20.35 2.88 -5.91
C PHE B 168 -19.91 1.54 -5.33
N PRO B 169 -20.80 0.55 -5.30
CA PRO B 169 -20.37 -0.80 -4.91
C PRO B 169 -19.28 -1.32 -5.78
N ALA B 170 -18.35 -2.06 -5.20
CA ALA B 170 -17.23 -2.61 -5.92
C ALA B 170 -17.68 -3.73 -6.82
N VAL B 171 -16.90 -3.94 -7.85
CA VAL B 171 -17.04 -5.10 -8.67
C VAL B 171 -15.78 -5.94 -8.55
N LEU B 172 -15.98 -7.26 -8.52
CA LEU B 172 -14.92 -8.24 -8.43
C LEU B 172 -14.62 -8.81 -9.84
N GLN B 173 -13.36 -8.80 -10.22
CA GLN B 173 -12.90 -9.38 -11.48
C GLN B 173 -11.53 -9.96 -11.23
N SER B 174 -11.35 -11.26 -11.46
CA SER B 174 -10.00 -11.87 -11.37
C SER B 174 -9.33 -11.62 -10.02
N ASP B 175 -10.13 -11.85 -9.00
CA ASP B 175 -9.73 -11.71 -7.60
C ASP B 175 -9.28 -10.34 -7.23
N LEU B 176 -9.72 -9.32 -7.97
CA LEU B 176 -9.45 -7.92 -7.56
C LEU B 176 -10.75 -7.12 -7.67
N TYR B 177 -10.94 -6.22 -6.72
CA TYR B 177 -12.09 -5.32 -6.69
C TYR B 177 -11.73 -3.93 -7.24
N THR B 178 -12.73 -3.29 -7.83
CA THR B 178 -12.65 -1.92 -8.29
C THR B 178 -13.94 -1.17 -8.00
N LEU B 179 -13.79 0.04 -7.51
CA LEU B 179 -14.92 0.99 -7.40
C LEU B 179 -14.49 2.43 -7.72
N SER B 180 -15.47 3.30 -7.93
CA SER B 180 -15.22 4.73 -8.03
C SER B 180 -16.12 5.44 -7.07
N SER B 181 -15.73 6.68 -6.78
CA SER B 181 -16.56 7.57 -6.00
C SER B 181 -16.63 8.87 -6.77
N SER B 182 -17.83 9.46 -6.85
CA SER B 182 -17.97 10.81 -7.43
C SER B 182 -18.32 11.75 -6.30
N VAL B 183 -17.90 12.99 -6.45
CA VAL B 183 -18.43 14.07 -5.66
C VAL B 183 -18.85 15.21 -6.59
N THR B 184 -20.02 15.78 -6.33
CA THR B 184 -20.53 16.96 -7.04
C THR B 184 -20.51 18.16 -6.11
N VAL B 185 -19.86 19.24 -6.53
CA VAL B 185 -19.78 20.44 -5.70
C VAL B 185 -20.09 21.69 -6.52
N PRO B 186 -20.37 22.81 -5.84
CA PRO B 186 -20.46 24.06 -6.61
C PRO B 186 -19.15 24.40 -7.33
N SER B 187 -19.25 24.84 -8.59
CA SER B 187 -18.09 25.29 -9.35
C SER B 187 -17.36 26.42 -8.63
N SER B 188 -18.14 27.25 -7.93
CA SER B 188 -17.59 28.32 -7.09
C SER B 188 -16.69 27.78 -5.97
N THR B 189 -16.81 26.48 -5.67
CA THR B 189 -15.98 25.82 -4.66
C THR B 189 -14.73 25.08 -5.17
N TRP B 190 -14.69 24.72 -6.46
CA TRP B 190 -13.52 24.01 -7.04
C TRP B 190 -13.10 24.57 -8.44
N PRO B 191 -11.76 24.63 -8.80
CA PRO B 191 -10.56 24.25 -8.12
C PRO B 191 -10.00 25.17 -7.07
N SER B 192 -10.84 25.91 -6.38
CA SER B 192 -10.34 27.08 -5.70
C SER B 192 -10.34 26.97 -4.22
N GLU B 193 -11.14 26.07 -3.67
CA GLU B 193 -10.67 25.17 -2.63
C GLU B 193 -10.62 23.74 -3.02
N THR B 194 -9.76 23.03 -2.31
CA THR B 194 -9.22 21.82 -2.88
C THR B 194 -10.24 20.74 -2.64
N VAL B 195 -10.27 19.66 -3.42
CA VAL B 195 -11.12 18.53 -3.13
C VAL B 195 -10.18 17.35 -3.16
N THR B 196 -10.20 16.55 -2.10
CA THR B 196 -9.30 15.41 -1.95
C THR B 196 -10.08 14.12 -1.62
N CYS B 197 -9.77 13.01 -2.30
CA CYS B 197 -10.32 11.70 -1.91
CA CYS B 197 -10.33 11.71 -1.92
C CYS B 197 -9.31 10.97 -1.03
N ASN B 198 -9.81 10.35 0.04
CA ASN B 198 -8.99 9.62 0.96
C ASN B 198 -9.48 8.18 0.93
N VAL B 199 -8.55 7.25 0.80
CA VAL B 199 -8.90 5.83 0.64
C VAL B 199 -8.10 4.99 1.61
N ALA B 200 -8.79 4.41 2.60
CA ALA B 200 -8.18 3.45 3.51
C ALA B 200 -8.52 2.02 3.11
N HIS B 201 -7.51 1.16 3.16
CA HIS B 201 -7.70 -0.29 2.94
C HIS B 201 -7.14 -1.05 4.15
N PRO B 202 -8.03 -1.38 5.11
CA PRO B 202 -7.60 -2.00 6.35
C PRO B 202 -6.75 -3.26 6.18
N ALA B 203 -7.11 -4.15 5.25
CA ALA B 203 -6.33 -5.37 5.11
C ALA B 203 -4.85 -5.16 4.79
N SER B 204 -4.52 -4.10 4.08
CA SER B 204 -3.13 -3.84 3.69
C SER B 204 -2.51 -2.78 4.59
N SER B 205 -3.28 -2.30 5.55
CA SER B 205 -2.82 -1.21 6.43
C SER B 205 -2.40 0.05 5.68
N THR B 206 -3.12 0.39 4.61
CA THR B 206 -2.72 1.54 3.76
C THR B 206 -3.79 2.61 3.78
N LYS B 207 -3.37 3.86 3.68
CA LYS B 207 -4.27 4.99 3.51
C LYS B 207 -3.64 5.92 2.48
N VAL B 208 -4.43 6.40 1.54
CA VAL B 208 -3.87 7.31 0.57
C VAL B 208 -4.83 8.44 0.26
N ASP B 209 -4.28 9.61 -0.01
CA ASP B 209 -5.06 10.77 -0.40
C ASP B 209 -4.68 11.14 -1.82
N LYS B 210 -5.65 11.58 -2.60
CA LYS B 210 -5.39 12.08 -3.94
C LYS B 210 -6.13 13.36 -4.16
N LYS B 211 -5.39 14.44 -4.37
CA LYS B 211 -6.01 15.75 -4.68
C LYS B 211 -6.46 15.73 -6.14
N ILE B 212 -7.70 16.14 -6.37
CA ILE B 212 -8.21 16.26 -7.74
C ILE B 212 -7.70 17.60 -8.28
N VAL B 213 -6.78 17.54 -9.24
CA VAL B 213 -6.27 18.77 -9.88
C VAL B 213 -6.59 18.82 -11.39
N PRO B 214 -6.97 20.01 -11.90
CA PRO B 214 -7.20 20.20 -13.34
C PRO B 214 -6.11 19.59 -14.24
N ASP C 1 36.38 0.85 -27.30
CA ASP C 1 36.30 1.40 -25.92
C ASP C 1 37.48 0.96 -25.06
N ILE C 2 38.09 1.91 -24.35
CA ILE C 2 39.09 1.54 -23.36
C ILE C 2 38.44 0.75 -22.24
N VAL C 3 39.04 -0.38 -21.92
CA VAL C 3 38.64 -1.19 -20.78
C VAL C 3 39.50 -0.91 -19.54
N MET C 4 38.84 -0.47 -18.48
CA MET C 4 39.50 -0.22 -17.20
C MET C 4 39.20 -1.32 -16.22
N THR C 5 40.25 -2.04 -15.80
CA THR C 5 40.10 -3.24 -14.97
C THR C 5 40.51 -3.05 -13.52
N GLN C 6 39.53 -3.22 -12.63
CA GLN C 6 39.71 -3.24 -11.19
C GLN C 6 39.10 -4.46 -10.52
N ALA C 7 39.72 -4.95 -9.47
CA ALA C 7 39.09 -5.96 -8.62
C ALA C 7 37.96 -5.35 -7.84
N ALA C 8 36.92 -6.14 -7.62
CA ALA C 8 35.74 -5.65 -6.89
C ALA C 8 36.01 -5.35 -5.40
N PHE C 9 36.92 -6.11 -4.76
CA PHE C 9 37.26 -5.90 -3.33
C PHE C 9 38.76 -5.79 -3.03
N SER C 10 39.05 -5.02 -1.98
CA SER C 10 40.39 -4.93 -1.39
C SER C 10 40.56 -6.12 -0.44
N ASN C 11 41.78 -6.52 -0.15
CA ASN C 11 41.98 -7.34 1.07
C ASN C 11 41.61 -6.43 2.26
N PRO C 12 40.97 -7.00 3.30
CA PRO C 12 40.71 -6.21 4.51
C PRO C 12 41.98 -5.58 5.01
N VAL C 13 41.88 -4.28 5.30
CA VAL C 13 42.99 -3.44 5.67
C VAL C 13 42.93 -3.05 7.12
N THR C 14 44.01 -3.29 7.85
CA THR C 14 44.12 -2.90 9.25
C THR C 14 44.15 -1.38 9.39
N LEU C 15 43.41 -0.83 10.36
CA LEU C 15 43.39 0.62 10.56
C LEU C 15 44.80 1.14 10.79
N GLY C 16 45.10 2.30 10.22
CA GLY C 16 46.43 2.93 10.32
C GLY C 16 47.49 2.47 9.37
N THR C 17 47.23 1.40 8.63
CA THR C 17 48.17 0.89 7.64
C THR C 17 47.80 1.42 6.25
N SER C 18 48.57 1.08 5.23
CA SER C 18 48.31 1.61 3.90
C SER C 18 47.49 0.62 3.08
N ALA C 19 46.48 1.11 2.40
CA ALA C 19 45.72 0.28 1.43
C ALA C 19 46.20 0.62 0.06
N SER C 20 46.17 -0.36 -0.83
CA SER C 20 46.50 -0.07 -2.21
C SER C 20 45.37 -0.56 -3.08
N ILE C 21 45.04 0.25 -4.07
CA ILE C 21 43.99 -0.07 -5.01
C ILE C 21 44.55 -0.01 -6.42
N SER C 22 44.36 -1.12 -7.12
CA SER C 22 44.90 -1.28 -8.46
C SER C 22 43.88 -1.00 -9.56
N CYS C 23 44.38 -0.45 -10.66
CA CYS C 23 43.64 -0.32 -11.89
C CYS C 23 44.58 -0.58 -13.05
N ARG C 24 44.07 -1.25 -14.08
CA ARG C 24 44.80 -1.40 -15.35
C ARG C 24 43.93 -0.91 -16.52
N SER C 25 44.56 -0.32 -17.53
CA SER C 25 43.85 0.08 -18.72
C SER C 25 44.35 -0.75 -19.91
N SER C 26 43.43 -0.98 -20.84
CA SER C 26 43.69 -1.74 -22.05
C SER C 26 44.58 -0.99 -23.03
N LYS C 27 44.66 0.33 -22.88
CA LYS C 27 45.46 1.19 -23.75
C LYS C 27 46.28 2.13 -22.89
N SER C 28 47.50 2.46 -23.32
CA SER C 28 48.31 3.43 -22.55
C SER C 28 47.61 4.77 -22.50
N LEU C 29 47.63 5.42 -21.32
CA LEU C 29 46.99 6.72 -21.11
C LEU C 29 48.01 7.84 -21.08
N LEU C 30 49.28 7.50 -21.36
CA LEU C 30 50.34 8.49 -21.50
C LEU C 30 50.20 9.15 -22.86
N HIS C 31 50.20 10.48 -22.86
CA HIS C 31 50.06 11.26 -24.08
C HIS C 31 51.43 11.84 -24.40
N SER C 32 51.52 12.46 -25.57
CA SER C 32 52.75 13.08 -26.08
C SER C 32 53.14 14.36 -25.34
N ASP C 33 52.23 14.94 -24.57
CA ASP C 33 52.58 16.06 -23.69
C ASP C 33 53.25 15.59 -22.39
N GLY C 34 53.38 14.27 -22.20
CA GLY C 34 54.03 13.74 -21.02
C GLY C 34 53.08 13.45 -19.87
N ILE C 35 51.82 13.79 -20.06
CA ILE C 35 50.79 13.58 -19.04
C ILE C 35 50.12 12.22 -19.26
N THR C 36 49.90 11.51 -18.16
CA THR C 36 49.15 10.27 -18.11
C THR C 36 47.77 10.63 -17.57
N TYR C 37 46.76 10.44 -18.42
CA TYR C 37 45.42 11.00 -18.19
C TYR C 37 44.60 9.98 -17.41
N LEU C 38 45.06 9.75 -16.20
CA LEU C 38 44.47 8.76 -15.28
C LEU C 38 43.95 9.53 -14.07
N TYR C 39 42.70 9.21 -13.71
CA TYR C 39 41.99 9.86 -12.63
C TYR C 39 41.42 8.82 -11.65
N TRP C 40 41.39 9.18 -10.37
CA TRP C 40 40.75 8.39 -9.33
C TRP C 40 39.58 9.15 -8.70
N TYR C 41 38.47 8.41 -8.50
CA TYR C 41 37.26 8.90 -7.80
C TYR C 41 36.89 7.96 -6.66
N LEU C 42 36.25 8.52 -5.65
CA LEU C 42 35.71 7.76 -4.55
C LEU C 42 34.20 8.06 -4.45
N GLN C 43 33.41 7.00 -4.27
CA GLN C 43 32.00 7.13 -3.90
C GLN C 43 31.78 6.41 -2.58
N LYS C 44 31.51 7.21 -1.54
CA LYS C 44 31.09 6.68 -0.27
C LYS C 44 29.60 6.39 -0.37
N PRO C 45 29.10 5.45 0.45
CA PRO C 45 27.68 5.08 0.39
C PRO C 45 26.71 6.23 0.47
N GLY C 46 25.86 6.32 -0.54
CA GLY C 46 24.85 7.38 -0.64
C GLY C 46 25.33 8.77 -0.98
N GLN C 47 26.61 8.89 -1.35
CA GLN C 47 27.22 10.20 -1.60
C GLN C 47 27.51 10.31 -3.08
N SER C 48 27.78 11.53 -3.55
CA SER C 48 28.22 11.70 -4.94
C SER C 48 29.66 11.20 -5.05
N PRO C 49 30.05 10.64 -6.21
CA PRO C 49 31.48 10.40 -6.45
C PRO C 49 32.22 11.72 -6.37
N HIS C 50 33.47 11.68 -5.96
CA HIS C 50 34.28 12.87 -5.97
C HIS C 50 35.70 12.54 -6.34
N LEU C 51 36.32 13.54 -6.93
CA LEU C 51 37.64 13.39 -7.50
C LEU C 51 38.65 13.32 -6.39
N LEU C 52 39.53 12.32 -6.49
CA LEU C 52 40.69 12.18 -5.58
C LEU C 52 42.01 12.60 -6.19
N ILE C 53 42.28 12.10 -7.38
CA ILE C 53 43.56 12.26 -8.05
C ILE C 53 43.31 12.54 -9.54
N TYR C 54 44.04 13.50 -10.12
CA TYR C 54 44.00 13.76 -11.56
C TYR C 54 45.42 13.66 -12.13
N HIS C 55 45.49 13.34 -13.41
CA HIS C 55 46.74 13.20 -14.14
C HIS C 55 47.68 12.20 -13.50
N LEU C 56 47.14 11.05 -13.12
CA LEU C 56 47.97 9.98 -12.50
C LEU C 56 48.44 10.21 -11.04
N SER C 57 48.99 11.36 -10.70
CA SER C 57 49.65 11.48 -9.41
C SER C 57 49.32 12.76 -8.70
N ASN C 58 48.44 13.58 -9.27
CA ASN C 58 48.17 14.87 -8.67
C ASN C 58 46.95 14.86 -7.77
N LEU C 59 47.14 15.38 -6.57
CA LEU C 59 46.10 15.40 -5.55
C LEU C 59 45.02 16.45 -5.82
N ALA C 60 43.75 16.05 -5.73
CA ALA C 60 42.63 16.95 -6.00
C ALA C 60 42.30 17.83 -4.80
N SER C 61 41.53 18.88 -5.06
CA SER C 61 41.04 19.75 -4.00
C SER C 61 40.28 18.98 -2.95
N GLY C 62 40.48 19.33 -1.69
CA GLY C 62 39.77 18.72 -0.59
C GLY C 62 40.24 17.34 -0.17
N VAL C 63 41.35 16.87 -0.74
CA VAL C 63 41.84 15.53 -0.48
C VAL C 63 43.16 15.64 0.31
N PRO C 64 43.26 14.95 1.47
CA PRO C 64 44.48 15.05 2.29
C PRO C 64 45.62 14.30 1.67
N ASP C 65 46.84 14.75 1.95
CA ASP C 65 48.04 14.16 1.31
C ASP C 65 48.40 12.69 1.67
N ARG C 66 47.62 12.03 2.52
CA ARG C 66 47.77 10.59 2.74
C ARG C 66 47.30 9.78 1.55
N PHE C 67 46.62 10.43 0.60
CA PHE C 67 46.30 9.80 -0.69
C PHE C 67 47.42 10.12 -1.68
N SER C 68 47.89 9.11 -2.37
CA SER C 68 48.85 9.29 -3.42
C SER C 68 48.60 8.24 -4.49
N SER C 69 49.18 8.45 -5.65
CA SER C 69 49.02 7.47 -6.75
C SER C 69 50.22 7.46 -7.67
N SER C 70 50.44 6.32 -8.32
CA SER C 70 51.55 6.19 -9.23
C SER C 70 51.16 5.20 -10.29
N GLY C 71 51.94 5.17 -11.36
CA GLY C 71 51.73 4.15 -12.34
C GLY C 71 52.49 4.33 -13.62
N SER C 72 52.43 3.28 -14.44
CA SER C 72 52.89 3.35 -15.83
C SER C 72 51.78 3.97 -16.67
N GLY C 73 51.79 3.70 -17.98
CA GLY C 73 50.72 4.16 -18.87
C GLY C 73 49.48 3.30 -18.77
N THR C 74 49.63 2.08 -18.24
CA THR C 74 48.57 1.05 -18.19
C THR C 74 48.29 0.38 -16.84
N ASP C 75 49.12 0.64 -15.83
CA ASP C 75 49.06 -0.07 -14.58
C ASP C 75 49.22 0.93 -13.43
N PHE C 76 48.16 1.14 -12.66
CA PHE C 76 48.08 2.29 -11.73
C PHE C 76 47.78 1.83 -10.31
N THR C 77 48.36 2.47 -9.33
CA THR C 77 48.08 2.13 -7.96
C THR C 77 47.74 3.37 -7.11
N LEU C 78 46.54 3.36 -6.54
CA LEU C 78 46.18 4.37 -5.54
C LEU C 78 46.62 3.87 -4.18
N ARG C 79 47.33 4.70 -3.42
CA ARG C 79 47.76 4.32 -2.12
C ARG C 79 47.08 5.20 -1.09
N ILE C 80 46.44 4.56 -0.12
CA ILE C 80 45.81 5.27 0.99
C ILE C 80 46.58 4.96 2.24
N SER C 81 47.36 5.92 2.71
CA SER C 81 48.12 5.74 3.92
C SER C 81 47.26 6.07 5.13
N ARG C 82 47.62 5.50 6.26
CA ARG C 82 46.90 5.69 7.51
C ARG C 82 45.38 5.55 7.32
N VAL C 83 44.99 4.38 6.82
CA VAL C 83 43.58 4.12 6.57
C VAL C 83 42.75 4.28 7.84
N GLU C 84 41.59 4.92 7.64
CA GLU C 84 40.61 5.16 8.70
C GLU C 84 39.34 4.41 8.38
N ALA C 85 38.53 4.21 9.41
CA ALA C 85 37.23 3.53 9.27
C ALA C 85 36.36 4.23 8.24
N GLU C 86 36.41 5.56 8.24
CA GLU C 86 35.64 6.38 7.30
C GLU C 86 36.06 6.32 5.82
N ASP C 87 37.14 5.60 5.51
CA ASP C 87 37.64 5.50 4.13
C ASP C 87 36.85 4.41 3.39
N VAL C 88 35.94 3.73 4.08
CA VAL C 88 35.15 2.73 3.35
C VAL C 88 34.38 3.40 2.23
N GLY C 89 34.32 2.70 1.10
CA GLY C 89 33.66 3.18 -0.07
C GLY C 89 34.22 2.43 -1.27
N ILE C 90 33.82 2.89 -2.45
CA ILE C 90 34.24 2.32 -3.72
C ILE C 90 35.10 3.33 -4.50
N TYR C 91 36.31 2.89 -4.86
CA TYR C 91 37.35 3.74 -5.48
C TYR C 91 37.38 3.36 -6.94
N TYR C 92 37.19 4.33 -7.84
CA TYR C 92 37.08 4.13 -9.29
C TYR C 92 38.22 4.83 -10.03
N CYS C 93 38.78 4.13 -11.03
CA CYS C 93 39.68 4.72 -11.99
C CYS C 93 38.89 5.15 -13.24
N ALA C 94 39.44 6.13 -13.94
CA ALA C 94 38.87 6.68 -15.16
C ALA C 94 39.99 7.21 -16.05
N HIS C 95 39.83 7.06 -17.37
CA HIS C 95 40.70 7.74 -18.33
C HIS C 95 40.10 9.07 -18.85
N ASN C 96 40.95 9.91 -19.43
CA ASN C 96 40.52 11.09 -20.17
C ASN C 96 41.35 11.27 -21.46
N VAL C 97 41.34 10.26 -22.32
CA VAL C 97 42.12 10.25 -23.56
C VAL C 97 41.29 10.03 -24.81
N GLU C 98 40.01 9.71 -24.65
CA GLU C 98 39.09 9.66 -25.78
C GLU C 98 37.66 9.56 -25.30
N LEU C 99 36.73 9.65 -26.25
CA LEU C 99 35.36 9.26 -26.03
C LEU C 99 35.15 7.88 -26.68
N PRO C 100 34.35 7.00 -26.06
CA PRO C 100 33.57 7.28 -24.86
C PRO C 100 34.41 7.30 -23.62
N ARG C 101 33.91 8.03 -22.63
CA ARG C 101 34.55 8.02 -21.34
C ARG C 101 34.22 6.68 -20.70
N THR C 102 35.22 6.00 -20.15
CA THR C 102 34.98 4.76 -19.38
C THR C 102 35.68 4.72 -18.03
N PHE C 103 35.16 3.84 -17.19
CA PHE C 103 35.49 3.74 -15.79
C PHE C 103 35.80 2.31 -15.46
N GLY C 104 36.61 2.11 -14.42
CA GLY C 104 36.81 0.77 -13.94
C GLY C 104 35.62 0.42 -13.06
N GLY C 105 35.57 -0.84 -12.63
CA GLY C 105 34.31 -1.43 -12.14
C GLY C 105 34.21 -1.00 -10.65
N GLY C 106 35.30 -0.43 -10.11
CA GLY C 106 35.35 0.03 -8.72
C GLY C 106 35.85 -1.05 -7.76
N THR C 107 36.69 -0.66 -6.82
CA THR C 107 37.16 -1.55 -5.78
C THR C 107 36.65 -1.07 -4.44
N LYS C 108 35.95 -1.93 -3.72
CA LYS C 108 35.46 -1.59 -2.40
C LYS C 108 36.55 -1.79 -1.38
N LEU C 109 36.83 -0.75 -0.61
CA LEU C 109 37.79 -0.86 0.46
C LEU C 109 37.09 -1.45 1.68
N GLU C 110 37.64 -2.53 2.21
CA GLU C 110 37.16 -3.11 3.45
C GLU C 110 38.17 -2.89 4.59
N ILE C 111 37.67 -2.50 5.74
CA ILE C 111 38.50 -2.36 6.94
C ILE C 111 38.49 -3.66 7.78
N LYS C 112 39.67 -4.02 8.29
CA LYS C 112 39.82 -5.11 9.25
C LYS C 112 39.62 -4.61 10.66
N ARG C 113 38.83 -5.37 11.42
CA ARG C 113 38.68 -5.14 12.81
C ARG C 113 38.56 -6.46 13.54
N ALA C 114 38.47 -6.37 14.85
CA ALA C 114 38.36 -7.54 15.72
C ALA C 114 37.01 -8.20 15.48
N ASP C 115 36.99 -9.52 15.60
CA ASP C 115 35.77 -10.26 15.39
C ASP C 115 34.72 -9.76 16.38
N ALA C 116 33.48 -9.75 15.92
CA ALA C 116 32.35 -9.30 16.72
C ALA C 116 31.16 -10.21 16.43
N ALA C 117 30.58 -10.73 17.50
CA ALA C 117 29.42 -11.61 17.42
C ALA C 117 28.21 -10.76 17.07
N PRO C 118 27.27 -11.30 16.26
CA PRO C 118 26.10 -10.48 16.03
C PRO C 118 25.19 -10.41 17.24
N THR C 119 24.54 -9.27 17.41
CA THR C 119 23.42 -9.21 18.34
C THR C 119 22.15 -9.58 17.56
N VAL C 120 21.52 -10.68 17.96
CA VAL C 120 20.36 -11.18 17.24
C VAL C 120 19.05 -10.92 17.97
N SER C 121 18.08 -10.38 17.24
CA SER C 121 16.78 -9.98 17.77
C SER C 121 15.73 -10.57 16.83
N ILE C 122 14.70 -11.18 17.37
CA ILE C 122 13.60 -11.76 16.58
C ILE C 122 12.29 -11.05 16.94
N PHE C 123 11.38 -10.94 15.97
CA PHE C 123 10.12 -10.23 16.13
C PHE C 123 9.02 -11.00 15.46
N PRO C 124 7.89 -11.18 16.16
CA PRO C 124 6.78 -11.90 15.58
C PRO C 124 5.96 -11.01 14.68
N PRO C 125 5.04 -11.62 13.91
CA PRO C 125 4.09 -10.88 13.11
C PRO C 125 3.27 -9.91 13.95
N SER C 126 3.09 -8.71 13.42
CA SER C 126 2.17 -7.79 14.00
C SER C 126 0.71 -8.17 13.80
N SER C 127 -0.14 -7.71 14.73
CA SER C 127 -1.59 -7.83 14.51
C SER C 127 -1.99 -7.17 13.20
N GLU C 128 -1.38 -6.01 12.87
CA GLU C 128 -1.67 -5.27 11.66
C GLU C 128 -1.46 -6.14 10.43
N GLN C 129 -0.34 -6.83 10.40
CA GLN C 129 -0.04 -7.68 9.27
C GLN C 129 -0.96 -8.86 9.21
N LEU C 130 -1.26 -9.46 10.34
CA LEU C 130 -2.08 -10.67 10.29
C LEU C 130 -3.44 -10.42 9.61
N THR C 131 -3.97 -9.18 9.67
CA THR C 131 -5.18 -8.80 8.90
C THR C 131 -5.10 -9.12 7.42
N SER C 132 -3.90 -9.03 6.87
CA SER C 132 -3.65 -9.26 5.47
C SER C 132 -3.74 -10.73 5.10
N GLY C 133 -3.76 -11.62 6.10
CA GLY C 133 -3.65 -13.09 5.85
C GLY C 133 -2.24 -13.58 5.62
N GLY C 134 -1.25 -12.71 5.79
CA GLY C 134 0.16 -13.02 5.68
C GLY C 134 0.80 -12.82 7.05
N ALA C 135 1.94 -13.45 7.27
CA ALA C 135 2.70 -13.34 8.51
C ALA C 135 4.19 -13.31 8.25
N SER C 136 4.90 -12.29 8.74
CA SER C 136 6.33 -12.24 8.60
C SER C 136 7.00 -12.22 9.98
N VAL C 137 8.02 -13.04 10.14
CA VAL C 137 8.89 -13.10 11.34
C VAL C 137 10.20 -12.47 10.92
N VAL C 138 10.67 -11.49 11.71
CA VAL C 138 11.86 -10.74 11.34
C VAL C 138 12.99 -11.05 12.31
N CYS C 139 14.18 -11.21 11.77
CA CYS C 139 15.40 -11.37 12.57
CA CYS C 139 15.40 -11.32 12.60
C CYS C 139 16.43 -10.30 12.15
N PHE C 140 16.91 -9.49 13.10
CA PHE C 140 18.07 -8.59 12.90
C PHE C 140 19.31 -9.28 13.51
N LEU C 141 20.41 -9.24 12.79
CA LEU C 141 21.68 -9.80 13.20
C LEU C 141 22.63 -8.66 13.03
N ASN C 142 22.85 -7.91 14.11
CA ASN C 142 23.49 -6.59 14.00
C ASN C 142 24.93 -6.53 14.55
N ASN C 143 25.73 -5.71 13.87
CA ASN C 143 27.06 -5.21 14.36
C ASN C 143 28.04 -6.33 14.61
N PHE C 144 28.19 -7.12 13.54
CA PHE C 144 29.11 -8.23 13.53
C PHE C 144 30.30 -8.06 12.58
N TYR C 145 31.32 -8.88 12.80
CA TYR C 145 32.49 -8.95 11.96
C TYR C 145 33.15 -10.31 12.15
N PRO C 146 33.59 -10.94 11.07
CA PRO C 146 33.66 -10.54 9.69
C PRO C 146 32.27 -10.59 9.05
N LYS C 147 32.21 -10.18 7.78
CA LYS C 147 30.93 -10.00 7.10
C LYS C 147 30.20 -11.29 6.75
N ASP C 148 30.97 -12.35 6.61
CA ASP C 148 30.43 -13.65 6.19
C ASP C 148 29.51 -14.23 7.29
N ILE C 149 28.25 -14.50 6.95
CA ILE C 149 27.32 -15.10 7.89
C ILE C 149 26.27 -15.92 7.11
N ASN C 150 25.67 -16.89 7.78
CA ASN C 150 24.63 -17.73 7.13
C ASN C 150 23.53 -17.75 8.18
N VAL C 151 22.33 -17.39 7.76
CA VAL C 151 21.09 -17.75 8.46
C VAL C 151 20.14 -18.73 7.86
N LYS C 152 19.55 -19.56 8.72
CA LYS C 152 18.50 -20.47 8.34
C LYS C 152 17.30 -20.20 9.24
N TRP C 153 16.13 -20.36 8.68
CA TRP C 153 14.89 -20.30 9.40
C TRP C 153 14.36 -21.69 9.59
N LYS C 154 13.92 -21.99 10.80
CA LYS C 154 13.27 -23.29 11.04
C LYS C 154 11.96 -23.10 11.77
N ILE C 155 11.04 -23.99 11.45
CA ILE C 155 9.70 -23.96 11.96
C ILE C 155 9.50 -25.27 12.68
N ASP C 156 9.37 -25.17 14.00
CA ASP C 156 9.37 -26.31 14.87
C ASP C 156 10.52 -27.27 14.52
N GLY C 157 11.70 -26.72 14.29
CA GLY C 157 12.87 -27.49 13.95
C GLY C 157 13.08 -27.89 12.50
N SER C 158 12.07 -27.72 11.65
CA SER C 158 12.23 -28.05 10.22
C SER C 158 12.62 -26.79 9.41
N GLU C 159 13.71 -26.88 8.68
CA GLU C 159 14.15 -25.73 7.88
C GLU C 159 13.18 -25.36 6.75
N ARG C 160 12.90 -24.07 6.64
CA ARG C 160 12.14 -23.47 5.54
C ARG C 160 13.04 -22.49 4.81
N GLN C 161 13.22 -22.72 3.50
CA GLN C 161 14.01 -21.83 2.65
C GLN C 161 13.19 -20.84 1.81
N ASN C 162 12.01 -21.22 1.37
CA ASN C 162 11.23 -20.31 0.58
C ASN C 162 10.53 -19.30 1.46
N GLY C 163 10.32 -18.13 0.89
CA GLY C 163 9.66 -17.05 1.57
C GLY C 163 10.58 -16.31 2.50
N VAL C 164 11.87 -16.38 2.23
CA VAL C 164 12.89 -15.71 3.05
C VAL C 164 13.45 -14.52 2.28
N LEU C 165 13.61 -13.39 2.96
CA LEU C 165 14.17 -12.18 2.30
C LEU C 165 15.28 -11.67 3.19
N ASN C 166 16.48 -11.60 2.62
CA ASN C 166 17.69 -11.19 3.35
C ASN C 166 18.25 -9.91 2.77
N SER C 167 18.73 -9.04 3.63
CA SER C 167 19.37 -7.80 3.21
C SER C 167 20.53 -7.50 4.14
N TRP C 168 21.58 -6.87 3.60
CA TRP C 168 22.85 -6.68 4.31
C TRP C 168 23.23 -5.23 4.23
N THR C 169 23.69 -4.65 5.32
CA THR C 169 24.20 -3.28 5.26
C THR C 169 25.64 -3.23 4.70
N ASP C 170 26.03 -2.05 4.23
CA ASP C 170 27.42 -1.73 3.93
C ASP C 170 28.22 -1.69 5.25
N GLN C 171 29.53 -1.84 5.15
CA GLN C 171 30.37 -1.78 6.34
C GLN C 171 30.22 -0.43 7.04
N ASP C 172 30.03 -0.44 8.35
CA ASP C 172 29.75 0.77 9.08
C ASP C 172 30.98 1.66 9.05
N SER C 173 30.79 2.95 8.76
CA SER C 173 31.89 3.93 8.66
C SER C 173 32.49 4.31 10.02
N LYS C 174 31.79 4.00 11.10
CA LYS C 174 32.29 4.26 12.45
C LYS C 174 32.93 3.05 13.13
N ASP C 175 32.19 1.95 13.21
CA ASP C 175 32.68 0.80 13.91
C ASP C 175 33.10 -0.33 13.01
N SER C 176 33.00 -0.19 11.70
CA SER C 176 33.54 -1.16 10.75
C SER C 176 32.83 -2.53 10.80
N THR C 177 31.63 -2.56 11.37
CA THR C 177 30.88 -3.83 11.48
C THR C 177 29.86 -3.91 10.37
N TYR C 178 29.19 -5.07 10.32
CA TYR C 178 28.17 -5.35 9.33
C TYR C 178 26.89 -5.75 10.05
N SER C 179 25.77 -5.62 9.36
CA SER C 179 24.47 -6.01 9.89
C SER C 179 23.62 -6.67 8.83
N MET C 180 22.67 -7.47 9.28
CA MET C 180 21.81 -8.22 8.37
C MET C 180 20.38 -8.27 8.90
N SER C 181 19.43 -8.30 7.98
CA SER C 181 18.02 -8.54 8.29
C SER C 181 17.55 -9.72 7.48
N SER C 182 16.79 -10.58 8.11
CA SER C 182 16.27 -11.77 7.45
C SER C 182 14.81 -11.85 7.86
N THR C 183 13.91 -12.00 6.89
CA THR C 183 12.48 -11.99 7.14
C THR C 183 11.89 -13.26 6.53
N LEU C 184 11.17 -14.03 7.34
CA LEU C 184 10.43 -15.24 6.89
C LEU C 184 8.97 -14.86 6.73
N THR C 185 8.37 -15.13 5.55
CA THR C 185 6.99 -14.79 5.33
C THR C 185 6.26 -16.07 4.99
N LEU C 186 5.12 -16.24 5.64
CA LEU C 186 4.21 -17.37 5.44
C LEU C 186 2.80 -16.91 5.39
N THR C 187 1.89 -17.81 5.03
CA THR C 187 0.48 -17.48 5.15
C THR C 187 0.10 -17.48 6.64
N LYS C 188 -0.95 -16.75 6.97
CA LYS C 188 -1.54 -16.82 8.29
C LYS C 188 -1.94 -18.27 8.64
N ASP C 189 -2.50 -19.01 7.69
CA ASP C 189 -2.97 -20.36 7.96
C ASP C 189 -1.75 -21.20 8.36
N GLU C 190 -0.66 -21.12 7.60
CA GLU C 190 0.49 -21.92 7.93
C GLU C 190 1.16 -21.54 9.25
N TYR C 191 1.26 -20.24 9.46
CA TYR C 191 1.88 -19.67 10.65
C TYR C 191 1.19 -20.16 11.94
N GLU C 192 -0.15 -20.17 11.91
CA GLU C 192 -0.97 -20.62 13.03
C GLU C 192 -1.10 -22.15 13.20
N ARG C 193 -0.31 -22.89 12.47
CA ARG C 193 -0.21 -24.35 12.62
C ARG C 193 1.06 -24.81 13.32
N HIS C 194 1.93 -23.86 13.68
CA HIS C 194 3.22 -24.15 14.28
C HIS C 194 3.53 -23.24 15.42
N ASN C 195 4.46 -23.64 16.27
CA ASN C 195 4.74 -22.86 17.47
C ASN C 195 6.07 -22.13 17.45
N SER C 196 7.16 -22.86 17.27
CA SER C 196 8.51 -22.32 17.49
C SER C 196 9.17 -21.93 16.17
N TYR C 197 9.42 -20.64 16.07
CA TYR C 197 10.03 -20.02 14.88
C TYR C 197 11.39 -19.58 15.28
N THR C 198 12.39 -20.06 14.57
CA THR C 198 13.78 -19.79 14.92
C THR C 198 14.58 -19.24 13.76
N CYS C 199 15.36 -18.21 14.08
CA CYS C 199 16.43 -17.67 13.24
CA CYS C 199 16.42 -17.81 13.16
C CYS C 199 17.76 -18.22 13.77
N GLU C 200 18.53 -18.92 12.94
CA GLU C 200 19.72 -19.66 13.34
C GLU C 200 20.88 -19.24 12.45
N ALA C 201 21.84 -18.57 13.04
CA ALA C 201 22.95 -17.98 12.33
C ALA C 201 24.25 -18.73 12.60
N THR C 202 25.03 -18.92 11.54
CA THR C 202 26.38 -19.45 11.61
C THR C 202 27.37 -18.34 11.30
N HIS C 203 28.28 -18.13 12.24
CA HIS C 203 29.25 -17.05 12.14
C HIS C 203 30.54 -17.51 12.79
N LYS C 204 31.67 -17.00 12.33
CA LYS C 204 32.92 -17.49 12.85
C LYS C 204 33.13 -17.30 14.36
N THR C 205 32.34 -16.44 14.98
CA THR C 205 32.45 -16.19 16.42
C THR C 205 31.73 -17.20 17.33
N SER C 206 31.13 -18.23 16.73
CA SER C 206 30.42 -19.27 17.48
C SER C 206 30.71 -20.58 16.80
N THR C 207 31.00 -21.62 17.58
CA THR C 207 31.15 -22.97 17.03
C THR C 207 29.77 -23.61 16.83
N SER C 208 28.76 -23.08 17.50
CA SER C 208 27.38 -23.57 17.35
C SER C 208 26.49 -22.49 16.74
N PRO C 209 25.38 -22.91 16.14
CA PRO C 209 24.39 -21.97 15.66
C PRO C 209 24.03 -20.94 16.72
N ILE C 210 23.88 -19.69 16.31
CA ILE C 210 23.40 -18.63 17.18
C ILE C 210 21.90 -18.56 16.95
N VAL C 211 21.10 -18.85 17.97
CA VAL C 211 19.65 -18.99 17.75
C VAL C 211 18.79 -18.09 18.60
N LYS C 212 17.76 -17.52 17.98
CA LYS C 212 16.71 -16.83 18.70
C LYS C 212 15.39 -17.39 18.23
N SER C 213 14.47 -17.53 19.16
CA SER C 213 13.18 -18.11 18.86
C SER C 213 12.06 -17.24 19.29
N PHE C 214 10.94 -17.36 18.56
CA PHE C 214 9.67 -16.81 19.01
C PHE C 214 8.68 -17.97 19.04
N ASN C 215 7.99 -18.12 20.17
CA ASN C 215 6.94 -19.11 20.30
C ASN C 215 5.60 -18.45 20.18
N ARG C 216 4.81 -18.95 19.24
CA ARG C 216 3.55 -18.34 18.93
C ARG C 216 2.58 -18.38 20.11
N ASN C 217 2.59 -19.45 20.90
CA ASN C 217 1.87 -19.40 22.19
C ASN C 217 2.73 -18.61 23.15
N GLU C 218 2.44 -17.32 23.25
CA GLU C 218 3.32 -16.41 23.94
C GLU C 218 2.67 -15.88 25.22
N CYS C 219 1.33 -15.77 25.22
CA CYS C 219 0.59 -15.39 26.43
C CYS C 219 -0.85 -15.92 26.39
N GLU D 1 30.82 27.28 -3.27
CA GLU D 1 30.89 25.81 -3.53
C GLU D 1 30.10 25.48 -4.80
N VAL D 2 30.63 24.55 -5.60
CA VAL D 2 29.92 24.09 -6.78
C VAL D 2 28.90 23.06 -6.31
N LYS D 3 27.69 23.16 -6.82
CA LYS D 3 26.63 22.19 -6.57
C LYS D 3 26.01 21.78 -7.90
N VAL D 4 25.87 20.47 -8.06
CA VAL D 4 25.25 19.85 -9.22
C VAL D 4 24.08 19.04 -8.69
N GLU D 5 22.85 19.35 -9.13
CA GLU D 5 21.65 18.74 -8.60
C GLU D 5 20.69 18.25 -9.69
N GLU D 6 20.57 16.93 -9.80
CA GLU D 6 19.74 16.27 -10.80
C GLU D 6 18.31 16.12 -10.28
N SER D 7 17.35 16.10 -11.19
CA SER D 7 15.95 15.81 -10.86
C SER D 7 15.21 15.19 -12.05
N GLY D 8 13.98 14.74 -11.81
CA GLY D 8 13.14 14.28 -12.92
C GLY D 8 13.02 12.79 -13.08
N GLY D 9 13.83 12.04 -12.35
CA GLY D 9 13.83 10.60 -12.46
C GLY D 9 12.60 10.01 -11.84
N GLY D 10 12.30 8.78 -12.16
CA GLY D 10 11.07 8.24 -11.65
C GLY D 10 10.81 6.96 -12.38
N LEU D 11 9.58 6.50 -12.33
CA LEU D 11 9.25 5.20 -12.88
C LEU D 11 8.55 5.41 -14.22
N VAL D 12 8.91 4.58 -15.18
CA VAL D 12 8.37 4.68 -16.51
C VAL D 12 8.35 3.27 -17.07
N GLN D 13 7.32 2.96 -17.86
CA GLN D 13 7.21 1.63 -18.41
C GLN D 13 8.11 1.51 -19.61
N PRO D 14 8.48 0.29 -19.96
CA PRO D 14 9.27 0.09 -21.15
C PRO D 14 8.53 0.61 -22.37
N GLY D 15 9.28 1.20 -23.29
CA GLY D 15 8.75 1.95 -24.41
C GLY D 15 8.47 3.39 -24.11
N GLY D 16 8.49 3.76 -22.83
CA GLY D 16 8.15 5.12 -22.43
C GLY D 16 9.26 6.14 -22.68
N SER D 17 8.96 7.38 -22.31
CA SER D 17 9.87 8.49 -22.44
C SER D 17 9.97 9.23 -21.13
N MET D 18 11.09 9.91 -20.97
CA MET D 18 11.34 10.70 -19.79
C MET D 18 12.38 11.75 -20.08
N LYS D 19 12.21 12.92 -19.50
CA LYS D 19 13.23 13.95 -19.57
C LYS D 19 13.70 14.27 -18.16
N ILE D 20 15.01 14.16 -17.97
CA ILE D 20 15.63 14.50 -16.69
C ILE D 20 16.52 15.72 -16.87
N SER D 21 16.91 16.36 -15.77
CA SER D 21 17.75 17.56 -15.86
C SER D 21 18.62 17.71 -14.61
N CYS D 22 19.60 18.60 -14.70
CA CYS D 22 20.33 19.01 -13.53
C CYS D 22 20.61 20.50 -13.62
N VAL D 23 20.71 21.15 -12.47
CA VAL D 23 21.07 22.54 -12.41
C VAL D 23 22.40 22.63 -11.70
N VAL D 24 23.25 23.52 -12.21
CA VAL D 24 24.57 23.67 -11.66
C VAL D 24 24.67 25.10 -11.13
N SER D 25 25.22 25.22 -9.93
CA SER D 25 25.46 26.51 -9.30
C SER D 25 26.88 26.57 -8.78
N GLY D 26 27.44 27.77 -8.65
CA GLY D 26 28.76 27.92 -8.06
C GLY D 26 29.86 28.04 -9.10
N LEU D 27 29.49 28.03 -10.37
CA LEU D 27 30.44 28.32 -11.43
C LEU D 27 29.69 28.91 -12.62
N THR D 28 30.39 29.33 -13.67
CA THR D 28 29.70 29.80 -14.87
C THR D 28 29.36 28.64 -15.79
N PHE D 29 28.13 28.15 -15.66
CA PHE D 29 27.70 26.91 -16.30
C PHE D 29 28.05 26.89 -17.78
N SER D 30 27.80 27.99 -18.46
CA SER D 30 27.98 28.07 -19.90
C SER D 30 29.40 27.84 -20.41
N ASN D 31 30.39 27.86 -19.52
CA ASN D 31 31.79 27.67 -19.91
C ASN D 31 32.30 26.25 -19.83
N TYR D 32 31.43 25.32 -19.45
CA TYR D 32 31.86 23.93 -19.19
C TYR D 32 31.21 22.90 -20.06
N TRP D 33 31.99 21.93 -20.52
CA TRP D 33 31.44 20.71 -21.11
C TRP D 33 30.71 19.93 -20.03
N MET D 34 29.62 19.28 -20.40
CA MET D 34 28.73 18.64 -19.43
C MET D 34 28.40 17.26 -19.97
N SER D 35 28.22 16.30 -19.09
CA SER D 35 27.88 14.95 -19.52
C SER D 35 26.88 14.28 -18.56
N TRP D 36 26.28 13.22 -19.07
CA TRP D 36 25.50 12.32 -18.26
C TRP D 36 26.20 10.98 -18.19
N VAL D 37 26.29 10.47 -16.97
CA VAL D 37 26.86 9.16 -16.63
C VAL D 37 25.85 8.44 -15.77
N ARG D 38 25.46 7.23 -16.15
CA ARG D 38 24.51 6.47 -15.37
C ARG D 38 25.18 5.32 -14.67
N GLN D 39 24.57 4.88 -13.58
CA GLN D 39 25.12 3.83 -12.72
C GLN D 39 24.10 2.74 -12.43
N SER D 40 24.51 1.49 -12.68
CA SER D 40 23.67 0.31 -12.37
C SER D 40 24.50 -0.82 -11.74
N PRO D 41 23.86 -1.71 -10.95
CA PRO D 41 24.60 -2.89 -10.45
C PRO D 41 25.29 -3.71 -11.55
N GLU D 42 24.59 -3.93 -12.65
CA GLU D 42 25.09 -4.85 -13.67
C GLU D 42 26.14 -4.23 -14.60
N LYS D 43 26.10 -2.91 -14.78
CA LYS D 43 27.04 -2.27 -15.72
C LYS D 43 27.99 -1.28 -15.05
N GLY D 44 27.78 -0.94 -13.79
CA GLY D 44 28.61 0.07 -13.10
C GLY D 44 28.39 1.47 -13.64
N LEU D 45 29.45 2.29 -13.65
CA LEU D 45 29.40 3.62 -14.23
C LEU D 45 29.52 3.57 -15.73
N GLU D 46 28.59 4.24 -16.39
CA GLU D 46 28.45 4.19 -17.84
C GLU D 46 28.17 5.58 -18.42
N TRP D 47 29.15 6.16 -19.08
CA TRP D 47 28.97 7.43 -19.78
C TRP D 47 27.98 7.27 -20.93
N VAL D 48 27.04 8.20 -21.04
CA VAL D 48 26.03 8.09 -22.12
C VAL D 48 25.94 9.25 -23.10
N ALA D 49 26.23 10.48 -22.67
CA ALA D 49 26.03 11.63 -23.50
C ALA D 49 26.85 12.82 -23.02
N GLU D 50 27.34 13.63 -23.96
CA GLU D 50 28.10 14.83 -23.63
C GLU D 50 27.78 15.97 -24.61
N ILE D 51 27.82 17.20 -24.07
CA ILE D 51 27.59 18.43 -24.85
C ILE D 51 28.70 19.45 -24.56
N ARG D 52 29.17 20.11 -25.61
CA ARG D 52 30.19 21.15 -25.48
C ARG D 52 29.54 22.54 -25.45
N LEU D 53 30.24 23.60 -25.85
CA LEU D 53 29.79 24.97 -25.57
C LEU D 53 29.07 25.63 -26.75
N LYS D 54 28.46 26.79 -26.51
CA LYS D 54 27.85 27.61 -27.59
C LYS D 54 28.84 27.84 -28.73
N SER D 55 30.08 28.16 -28.35
CA SER D 55 31.15 28.42 -29.31
C SER D 55 31.58 27.17 -30.09
N ASP D 56 31.19 26.00 -29.59
CA ASP D 56 31.41 24.75 -30.33
C ASP D 56 30.11 24.40 -31.05
N ASN D 57 29.18 25.35 -31.08
CA ASN D 57 27.85 25.11 -31.61
C ASN D 57 27.15 23.95 -30.93
N TYR D 58 27.35 23.87 -29.61
CA TYR D 58 26.67 22.89 -28.80
C TYR D 58 26.87 21.46 -29.31
N ALA D 59 28.09 21.14 -29.74
CA ALA D 59 28.43 19.79 -30.23
C ALA D 59 28.09 18.73 -29.20
N THR D 60 27.45 17.65 -29.66
CA THR D 60 26.95 16.60 -28.78
C THR D 60 27.65 15.29 -29.15
N TYR D 61 27.66 14.36 -28.20
CA TYR D 61 28.36 13.10 -28.28
C TYR D 61 27.55 12.08 -27.47
N TYR D 62 27.48 10.84 -27.97
CA TYR D 62 26.68 9.78 -27.35
C TYR D 62 27.37 8.43 -27.32
N ALA D 63 27.09 7.66 -26.29
CA ALA D 63 27.49 6.27 -26.27
C ALA D 63 26.71 5.56 -27.37
N GLU D 64 27.35 4.64 -28.06
CA GLU D 64 26.71 3.99 -29.21
C GLU D 64 25.38 3.32 -28.76
N SER D 65 25.37 2.79 -27.53
CA SER D 65 24.20 2.10 -26.97
C SER D 65 22.94 2.94 -26.80
N VAL D 66 23.07 4.27 -26.84
CA VAL D 66 21.92 5.14 -26.65
C VAL D 66 21.71 6.09 -27.81
N LYS D 67 22.52 5.99 -28.85
CA LYS D 67 22.34 6.81 -30.03
C LYS D 67 20.94 6.64 -30.58
N GLY D 68 20.28 7.75 -30.85
CA GLY D 68 18.95 7.71 -31.41
C GLY D 68 17.82 7.45 -30.44
N LYS D 69 18.14 7.16 -29.17
CA LYS D 69 17.15 7.12 -28.08
C LYS D 69 17.24 8.35 -27.17
N PHE D 70 18.47 8.81 -26.96
CA PHE D 70 18.74 9.88 -25.99
C PHE D 70 19.19 11.12 -26.72
N THR D 71 18.77 12.29 -26.20
CA THR D 71 19.24 13.58 -26.68
C THR D 71 19.63 14.46 -25.50
N ILE D 72 20.89 14.91 -25.52
CA ILE D 72 21.38 15.85 -24.51
C ILE D 72 21.20 17.28 -24.99
N SER D 73 20.90 18.20 -24.08
CA SER D 73 20.79 19.60 -24.44
C SER D 73 21.07 20.43 -23.21
N ARG D 74 21.38 21.70 -23.43
CA ARG D 74 21.59 22.62 -22.33
C ARG D 74 20.83 23.92 -22.53
N ASP D 75 20.47 24.52 -21.41
CA ASP D 75 19.95 25.87 -21.38
C ASP D 75 20.82 26.69 -20.46
N ASP D 76 21.78 27.35 -21.06
CA ASP D 76 22.75 28.21 -20.39
C ASP D 76 22.12 29.33 -19.54
N SER D 77 20.95 29.81 -19.94
CA SER D 77 20.24 30.82 -19.16
C SER D 77 19.70 30.29 -17.82
N LYS D 78 19.38 28.99 -17.74
CA LYS D 78 18.91 28.41 -16.49
C LYS D 78 19.98 27.57 -15.79
N SER D 79 21.17 27.50 -16.37
CA SER D 79 22.27 26.65 -15.85
C SER D 79 21.78 25.21 -15.74
N ARG D 80 21.08 24.79 -16.77
CA ARG D 80 20.43 23.49 -16.75
C ARG D 80 20.93 22.63 -17.89
N LEU D 81 21.20 21.36 -17.56
CA LEU D 81 21.45 20.31 -18.55
C LEU D 81 20.27 19.40 -18.55
N TYR D 82 19.97 18.84 -19.72
CA TYR D 82 18.80 17.96 -19.92
C TYR D 82 19.22 16.68 -20.61
N LEU D 83 18.49 15.63 -20.33
CA LEU D 83 18.55 14.43 -21.13
C LEU D 83 17.12 13.92 -21.39
N GLN D 84 16.82 13.82 -22.69
CA GLN D 84 15.53 13.37 -23.18
C GLN D 84 15.76 11.95 -23.58
N MET D 85 14.96 11.04 -23.03
CA MET D 85 15.18 9.62 -23.18
C MET D 85 13.89 9.05 -23.74
N ASN D 86 14.01 8.46 -24.91
CA ASN D 86 12.87 7.90 -25.57
C ASN D 86 13.01 6.39 -25.71
N ASN D 87 11.87 5.71 -25.81
CA ASN D 87 11.82 4.28 -25.98
C ASN D 87 12.73 3.52 -25.01
N LEU D 88 12.57 3.87 -23.75
CA LEU D 88 13.35 3.29 -22.68
C LEU D 88 13.15 1.77 -22.57
N ARG D 89 14.20 1.08 -22.18
CA ARG D 89 14.17 -0.35 -21.90
C ARG D 89 14.56 -0.64 -20.45
N THR D 90 14.32 -1.86 -20.00
CA THR D 90 14.63 -2.20 -18.60
C THR D 90 16.10 -1.91 -18.26
N GLU D 91 16.98 -2.15 -19.20
CA GLU D 91 18.42 -1.99 -19.02
C GLU D 91 18.89 -0.54 -18.95
N ASP D 92 18.00 0.40 -19.29
CA ASP D 92 18.27 1.81 -19.05
C ASP D 92 18.00 2.26 -17.60
N THR D 93 17.54 1.34 -16.77
CA THR D 93 17.36 1.55 -15.34
C THR D 93 18.71 1.91 -14.74
N GLY D 94 18.73 2.98 -13.95
CA GLY D 94 19.92 3.27 -13.12
C GLY D 94 19.87 4.66 -12.52
N ILE D 95 20.95 5.04 -11.85
CA ILE D 95 21.07 6.39 -11.28
C ILE D 95 21.82 7.21 -12.30
N TYR D 96 21.21 8.33 -12.71
CA TYR D 96 21.74 9.19 -13.74
C TYR D 96 22.34 10.41 -13.10
N TYR D 97 23.63 10.59 -13.32
CA TYR D 97 24.44 11.71 -12.79
C TYR D 97 24.83 12.68 -13.89
N CYS D 98 24.74 13.97 -13.56
CA CYS D 98 25.48 14.96 -14.27
C CYS D 98 26.95 14.92 -13.82
N PHE D 99 27.83 14.93 -14.80
CA PHE D 99 29.27 14.92 -14.61
C PHE D 99 29.89 16.03 -15.48
N LEU D 100 30.55 16.99 -14.81
CA LEU D 100 31.35 18.00 -15.49
C LEU D 100 32.76 17.48 -15.56
N PRO D 101 33.17 16.94 -16.72
CA PRO D 101 34.48 16.33 -16.79
C PRO D 101 35.55 17.34 -16.43
N MET D 102 36.48 17.02 -15.54
CA MET D 102 36.57 15.71 -14.86
C MET D 102 36.31 15.90 -13.40
N ASP D 103 35.99 17.21 -12.93
CA ASP D 103 35.97 17.69 -11.54
C ASP D 103 34.70 17.36 -10.73
N TYR D 104 33.50 17.34 -11.32
CA TYR D 104 32.27 17.58 -10.50
C TYR D 104 31.22 16.53 -10.86
N TRP D 105 30.63 15.93 -9.86
CA TRP D 105 29.47 15.04 -10.01
C TRP D 105 28.28 15.55 -9.21
N GLY D 106 27.07 15.27 -9.70
CA GLY D 106 25.86 15.51 -8.89
C GLY D 106 25.56 14.37 -7.92
N GLN D 107 24.37 14.43 -7.34
CA GLN D 107 23.81 13.46 -6.40
C GLN D 107 23.18 12.24 -7.11
N GLY D 108 22.76 12.45 -8.34
CA GLY D 108 22.09 11.45 -9.11
C GLY D 108 20.60 11.47 -8.98
N THR D 109 19.91 11.06 -10.05
CA THR D 109 18.48 10.87 -9.99
C THR D 109 18.15 9.48 -10.51
N SER D 110 17.27 8.79 -9.79
CA SER D 110 16.99 7.41 -10.10
C SER D 110 15.94 7.29 -11.19
N VAL D 111 16.29 6.51 -12.21
CA VAL D 111 15.38 6.18 -13.31
C VAL D 111 15.08 4.70 -13.25
N THR D 112 13.80 4.35 -13.13
CA THR D 112 13.40 2.95 -13.10
C THR D 112 12.51 2.68 -14.29
N VAL D 113 12.93 1.72 -15.11
CA VAL D 113 12.15 1.30 -16.26
C VAL D 113 11.63 -0.10 -16.04
N SER D 114 10.34 -0.19 -15.78
CA SER D 114 9.71 -1.45 -15.34
C SER D 114 8.26 -1.46 -15.71
N SER D 115 7.75 -2.65 -16.02
CA SER D 115 6.31 -2.79 -16.21
C SER D 115 5.55 -3.04 -14.89
N ALA D 116 6.28 -3.23 -13.78
CA ALA D 116 5.66 -3.41 -12.47
C ALA D 116 4.87 -2.21 -11.99
N LYS D 117 3.80 -2.46 -11.26
CA LYS D 117 2.87 -1.42 -10.89
C LYS D 117 3.31 -0.70 -9.61
N THR D 118 3.12 0.60 -9.56
CA THR D 118 3.33 1.37 -8.36
C THR D 118 2.39 0.84 -7.27
N THR D 119 2.94 0.55 -6.09
CA THR D 119 2.22 -0.11 -4.99
C THR D 119 2.72 0.54 -3.68
N PRO D 120 1.81 0.99 -2.81
CA PRO D 120 2.21 1.53 -1.51
C PRO D 120 2.67 0.44 -0.52
N PRO D 121 3.59 0.77 0.40
CA PRO D 121 3.96 -0.24 1.37
C PRO D 121 2.95 -0.43 2.49
N SER D 122 2.95 -1.62 3.02
CA SER D 122 2.32 -1.94 4.27
C SER D 122 3.41 -1.80 5.33
N VAL D 123 3.20 -0.91 6.29
CA VAL D 123 4.19 -0.63 7.28
C VAL D 123 3.80 -1.25 8.63
N TYR D 124 4.63 -2.17 9.12
CA TYR D 124 4.34 -2.97 10.30
C TYR D 124 5.33 -2.75 11.43
N PRO D 125 4.82 -2.67 12.66
CA PRO D 125 5.72 -2.50 13.78
C PRO D 125 6.39 -3.79 14.18
N LEU D 126 7.64 -3.69 14.60
CA LEU D 126 8.37 -4.84 15.11
C LEU D 126 8.68 -4.62 16.59
N ALA D 127 7.92 -5.33 17.42
CA ALA D 127 8.05 -5.29 18.89
C ALA D 127 8.34 -6.69 19.41
N PRO D 128 9.13 -6.80 20.50
CA PRO D 128 9.54 -8.07 21.08
C PRO D 128 8.39 -8.95 21.55
N GLY D 129 8.55 -10.25 21.35
CA GLY D 129 7.61 -11.27 21.86
C GLY D 129 7.85 -11.48 23.36
N SER D 136 20.55 -4.79 28.86
CA SER D 136 20.86 -3.37 28.86
C SER D 136 20.14 -2.61 27.75
N MET D 137 20.04 -3.23 26.58
CA MET D 137 19.52 -2.58 25.38
C MET D 137 18.31 -3.32 24.86
N VAL D 138 17.41 -2.58 24.21
CA VAL D 138 16.25 -3.20 23.53
C VAL D 138 16.28 -2.78 22.07
N THR D 139 16.03 -3.75 21.18
CA THR D 139 15.97 -3.44 19.78
C THR D 139 14.50 -3.53 19.34
N LEU D 140 14.09 -2.54 18.57
CA LEU D 140 12.78 -2.47 17.97
C LEU D 140 12.95 -2.32 16.46
N GLY D 141 11.87 -2.38 15.69
CA GLY D 141 12.01 -2.05 14.29
C GLY D 141 10.69 -1.86 13.56
N CYS D 142 10.85 -1.65 12.27
CA CYS D 142 9.72 -1.47 11.37
CA CYS D 142 9.83 -1.27 11.31
C CYS D 142 10.00 -2.21 10.09
N LEU D 143 8.94 -2.87 9.61
CA LEU D 143 8.95 -3.67 8.40
C LEU D 143 8.11 -2.93 7.37
N VAL D 144 8.68 -2.63 6.23
CA VAL D 144 8.10 -1.81 5.20
C VAL D 144 7.98 -2.71 3.99
N LYS D 145 6.81 -3.31 3.84
CA LYS D 145 6.67 -4.48 2.98
C LYS D 145 5.80 -4.25 1.75
N GLY D 146 6.24 -4.76 0.62
CA GLY D 146 5.42 -4.84 -0.60
C GLY D 146 5.13 -3.57 -1.35
N TYR D 147 6.16 -2.76 -1.57
CA TYR D 147 6.00 -1.52 -2.32
C TYR D 147 6.78 -1.51 -3.64
N PHE D 148 6.37 -0.55 -4.50
CA PHE D 148 7.06 -0.29 -5.77
C PHE D 148 6.68 1.10 -6.27
N PRO D 149 7.64 1.87 -6.80
CA PRO D 149 9.05 1.61 -6.97
C PRO D 149 9.81 2.10 -5.74
N GLU D 150 11.14 1.97 -5.80
CA GLU D 150 12.00 2.66 -4.84
C GLU D 150 11.92 4.13 -5.16
N PRO D 151 12.21 5.00 -4.19
CA PRO D 151 12.56 4.72 -2.81
C PRO D 151 11.50 5.07 -1.75
N VAL D 152 11.83 4.72 -0.51
CA VAL D 152 11.04 5.07 0.67
C VAL D 152 12.00 5.91 1.50
N THR D 153 11.47 6.84 2.29
CA THR D 153 12.21 7.27 3.50
C THR D 153 11.80 6.73 4.82
N VAL D 154 12.80 6.39 5.64
CA VAL D 154 12.56 5.90 6.99
C VAL D 154 13.36 6.73 7.98
N THR D 155 12.66 7.29 8.96
CA THR D 155 13.31 7.87 10.14
C THR D 155 12.64 7.36 11.41
N TRP D 156 13.28 7.66 12.54
CA TRP D 156 12.75 7.32 13.83
C TRP D 156 12.56 8.62 14.59
N ASN D 157 11.41 8.73 15.26
CA ASN D 157 11.05 9.93 16.04
C ASN D 157 11.37 11.20 15.28
N SER D 158 11.00 11.20 14.00
CA SER D 158 11.16 12.33 13.09
C SER D 158 12.61 12.74 12.84
N GLY D 159 13.54 11.79 12.93
CA GLY D 159 14.96 12.07 12.71
C GLY D 159 15.75 12.38 13.97
N SER D 160 15.03 12.60 15.07
CA SER D 160 15.65 12.90 16.37
C SER D 160 16.36 11.70 16.97
N LEU D 161 15.90 10.51 16.60
CA LEU D 161 16.50 9.25 17.03
C LEU D 161 17.30 8.73 15.82
N SER D 162 18.61 8.97 15.80
CA SER D 162 19.46 8.60 14.63
C SER D 162 20.53 7.59 14.96
N SER D 163 20.95 7.53 16.23
CA SER D 163 21.99 6.61 16.65
C SER D 163 21.38 5.25 16.92
N GLY D 164 22.18 4.21 16.68
CA GLY D 164 21.77 2.84 16.86
C GLY D 164 20.73 2.40 15.83
N VAL D 165 20.65 3.11 14.71
CA VAL D 165 19.69 2.74 13.64
C VAL D 165 20.38 1.98 12.54
N HIS D 166 19.74 0.90 12.05
CA HIS D 166 20.13 0.25 10.80
C HIS D 166 18.96 0.13 9.87
N THR D 167 18.97 0.92 8.81
CA THR D 167 17.96 0.84 7.76
C THR D 167 18.51 0.05 6.58
N PHE D 168 17.90 -1.11 6.32
CA PHE D 168 18.48 -2.05 5.39
C PHE D 168 18.12 -1.75 3.93
N PRO D 169 19.04 -2.02 3.00
CA PRO D 169 18.71 -1.83 1.61
C PRO D 169 17.45 -2.59 1.22
N ALA D 170 16.62 -2.03 0.34
CA ALA D 170 15.44 -2.75 -0.13
C ALA D 170 15.87 -3.91 -1.01
N VAL D 171 15.05 -4.95 -1.03
CA VAL D 171 15.28 -6.13 -1.84
C VAL D 171 13.98 -6.38 -2.61
N LEU D 172 14.11 -6.60 -3.92
CA LEU D 172 12.96 -6.84 -4.81
C LEU D 172 12.70 -8.34 -4.97
N GLN D 173 11.45 -8.71 -4.73
CA GLN D 173 11.00 -10.06 -4.92
C GLN D 173 9.64 -9.99 -5.55
N SER D 174 9.50 -10.72 -6.66
CA SER D 174 8.22 -10.76 -7.37
C SER D 174 7.60 -9.39 -7.54
N ASP D 175 8.40 -8.47 -8.07
CA ASP D 175 7.95 -7.14 -8.48
C ASP D 175 7.57 -6.20 -7.34
N LEU D 176 7.95 -6.57 -6.12
CA LEU D 176 7.68 -5.74 -4.95
C LEU D 176 8.91 -5.67 -4.07
N TYR D 177 9.17 -4.51 -3.49
CA TYR D 177 10.27 -4.33 -2.57
C TYR D 177 9.80 -4.50 -1.15
N THR D 178 10.75 -4.90 -0.31
CA THR D 178 10.62 -4.89 1.13
C THR D 178 11.89 -4.36 1.73
N LEU D 179 11.71 -3.57 2.77
CA LEU D 179 12.85 -3.24 3.59
C LEU D 179 12.48 -3.21 5.02
N SER D 180 13.50 -3.03 5.85
CA SER D 180 13.29 -3.03 7.26
C SER D 180 14.28 -2.08 7.89
N SER D 181 13.98 -1.71 9.12
CA SER D 181 14.87 -0.81 9.89
C SER D 181 14.81 -1.18 11.34
N SER D 182 15.98 -1.30 11.97
CA SER D 182 16.07 -1.60 13.40
C SER D 182 16.58 -0.37 14.10
N VAL D 183 16.13 -0.21 15.32
CA VAL D 183 16.63 0.87 16.18
C VAL D 183 16.89 0.27 17.53
N THR D 184 18.01 0.62 18.15
CA THR D 184 18.38 0.02 19.42
C THR D 184 18.55 1.16 20.42
N VAL D 185 17.90 1.00 21.57
CA VAL D 185 17.86 2.01 22.63
C VAL D 185 18.12 1.34 23.99
N PRO D 186 18.45 2.15 25.03
CA PRO D 186 18.55 1.57 26.37
C PRO D 186 17.23 0.98 26.82
N SER D 187 17.30 -0.16 27.52
CA SER D 187 16.09 -0.86 27.94
C SER D 187 15.14 0.03 28.72
N SER D 188 15.69 0.87 29.61
CA SER D 188 14.84 1.71 30.44
C SER D 188 14.05 2.77 29.68
N THR D 189 14.47 3.06 28.45
CA THR D 189 13.88 4.17 27.68
C THR D 189 12.58 3.77 26.97
N TRP D 190 12.45 2.48 26.64
CA TRP D 190 11.23 2.04 26.01
C TRP D 190 10.50 1.05 26.89
N PRO D 191 9.16 1.18 26.98
CA PRO D 191 8.23 2.12 26.34
C PRO D 191 8.02 3.49 26.98
N SER D 192 8.81 3.83 27.99
CA SER D 192 8.60 5.07 28.69
C SER D 192 8.70 6.37 27.87
N GLU D 193 9.74 6.49 27.06
CA GLU D 193 9.62 7.21 25.76
C GLU D 193 8.99 6.52 24.57
N THR D 194 8.42 7.35 23.70
CA THR D 194 7.78 6.87 22.48
C THR D 194 8.84 6.63 21.44
N VAL D 195 8.68 5.53 20.70
CA VAL D 195 9.57 5.20 19.59
C VAL D 195 8.65 4.96 18.40
N THR D 196 8.82 5.77 17.39
CA THR D 196 7.97 5.81 16.22
C THR D 196 8.77 5.82 14.95
N CYS D 197 8.44 4.92 14.02
CA CYS D 197 9.10 4.95 12.72
CA CYS D 197 9.07 4.87 12.71
C CYS D 197 8.24 5.71 11.71
N ASN D 198 8.89 6.61 10.97
CA ASN D 198 8.23 7.46 9.99
C ASN D 198 8.60 7.01 8.61
N VAL D 199 7.61 6.62 7.83
CA VAL D 199 7.84 6.02 6.53
C VAL D 199 7.03 6.73 5.45
N ALA D 200 7.75 7.19 4.44
CA ALA D 200 7.17 7.92 3.34
C ALA D 200 7.54 7.23 2.06
N HIS D 201 6.55 7.10 1.19
CA HIS D 201 6.75 6.56 -0.15
C HIS D 201 6.06 7.54 -1.11
N PRO D 202 6.79 8.58 -1.54
CA PRO D 202 6.30 9.57 -2.49
C PRO D 202 5.51 8.99 -3.67
N ALA D 203 6.06 7.98 -4.33
CA ALA D 203 5.48 7.51 -5.58
C ALA D 203 4.04 7.04 -5.46
N SER D 204 3.64 6.64 -4.26
CA SER D 204 2.26 6.18 -3.97
C SER D 204 1.50 7.17 -3.10
N SER D 205 2.14 8.28 -2.77
CA SER D 205 1.54 9.30 -1.88
C SER D 205 1.30 8.81 -0.47
N THR D 206 2.21 7.93 0.00
CA THR D 206 2.10 7.31 1.31
C THR D 206 2.94 8.01 2.39
N LYS D 207 2.35 8.20 3.55
CA LYS D 207 3.08 8.72 4.69
C LYS D 207 2.52 8.05 5.96
N VAL D 208 3.34 7.31 6.69
CA VAL D 208 2.90 6.59 7.88
C VAL D 208 3.81 6.87 9.09
N ASP D 209 3.22 7.08 10.26
CA ASP D 209 3.99 7.06 11.50
C ASP D 209 3.52 5.89 12.33
N LYS D 210 4.38 4.90 12.51
CA LYS D 210 4.01 3.73 13.28
C LYS D 210 4.72 3.76 14.63
N LYS D 211 3.95 3.93 15.70
CA LYS D 211 4.46 3.91 17.07
C LYS D 211 4.63 2.46 17.47
N ILE D 212 5.78 2.11 18.03
CA ILE D 212 6.02 0.76 18.48
C ILE D 212 5.53 0.64 19.93
N VAL D 213 4.59 -0.26 20.15
CA VAL D 213 4.02 -0.43 21.48
C VAL D 213 4.24 -1.85 21.96
N PRO D 214 4.38 -2.01 23.26
CA PRO D 214 4.55 -3.34 23.78
C PRO D 214 3.41 -4.26 23.37
N ARG D 215 3.71 -5.54 23.10
CA ARG D 215 2.65 -6.51 22.83
C ARG D 215 1.96 -6.86 24.16
N TYR E 1 -37.01 -23.07 25.95
CA TYR E 1 -36.41 -21.76 25.58
C TYR E 1 -37.12 -20.58 26.24
N LEU E 2 -38.41 -20.43 25.98
CA LEU E 2 -39.16 -19.27 26.46
C LEU E 2 -39.16 -19.13 27.96
N GLU E 3 -39.31 -20.26 28.63
CA GLU E 3 -39.27 -20.25 30.08
C GLU E 3 -37.94 -19.66 30.55
N ASP E 4 -36.84 -20.10 29.93
CA ASP E 4 -35.49 -19.60 30.26
C ASP E 4 -35.35 -18.12 29.95
N TRP E 5 -35.82 -17.71 28.77
CA TRP E 5 -35.79 -16.31 28.33
C TRP E 5 -36.59 -15.43 29.29
N ILE E 6 -37.80 -15.88 29.59
CA ILE E 6 -38.70 -15.07 30.41
C ILE E 6 -38.12 -14.87 31.80
N LYS E 7 -37.62 -15.95 32.39
CA LYS E 7 -36.94 -15.90 33.69
C LYS E 7 -35.78 -14.91 33.60
N TYR E 8 -34.91 -15.14 32.63
CA TYR E 8 -33.76 -14.24 32.43
C TYR E 8 -34.17 -12.77 32.27
N ASN E 9 -35.13 -12.51 31.39
CA ASN E 9 -35.53 -11.16 31.00
C ASN E 9 -36.25 -10.39 32.13
N ASN E 10 -36.90 -11.12 33.02
CA ASN E 10 -37.57 -10.50 34.17
C ASN E 10 -36.54 -10.04 35.18
N GLN E 11 -35.50 -10.85 35.36
CA GLN E 11 -34.36 -10.51 36.24
C GLN E 11 -33.61 -9.33 35.64
N TYR F 1 40.65 13.79 -29.87
CA TYR F 1 39.96 14.23 -28.61
C TYR F 1 40.86 15.10 -27.73
N LEU F 2 42.06 14.59 -27.46
CA LEU F 2 42.97 15.25 -26.52
C LEU F 2 43.38 16.68 -26.87
N GLU F 3 43.61 16.94 -28.14
CA GLU F 3 43.94 18.31 -28.55
C GLU F 3 42.75 19.23 -28.23
N ASP F 4 41.54 18.76 -28.51
CA ASP F 4 40.33 19.46 -28.07
C ASP F 4 40.30 19.64 -26.54
N TRP F 5 40.50 18.56 -25.80
CA TRP F 5 40.50 18.64 -24.33
C TRP F 5 41.56 19.63 -23.83
N ILE F 6 42.77 19.54 -24.37
CA ILE F 6 43.88 20.40 -23.92
C ILE F 6 43.59 21.90 -24.12
N LYS F 7 43.05 22.24 -25.29
CA LYS F 7 42.65 23.60 -25.59
C LYS F 7 41.62 24.12 -24.59
N TYR F 8 40.54 23.36 -24.46
CA TYR F 8 39.44 23.68 -23.51
C TYR F 8 39.95 23.86 -22.08
N ASN F 9 40.71 22.88 -21.62
CA ASN F 9 41.26 22.89 -20.29
C ASN F 9 42.15 24.09 -19.99
N ASN F 10 42.99 24.47 -20.95
CA ASN F 10 43.86 25.64 -20.77
C ASN F 10 43.11 26.93 -20.58
N GLN F 11 41.99 27.10 -21.26
CA GLN F 11 41.27 28.37 -21.12
C GLN F 11 40.16 28.38 -20.07
N LYS F 12 40.08 27.28 -19.31
CA LYS F 12 39.22 27.17 -18.13
C LYS F 12 39.51 28.22 -17.06
#